data_5CY2
#
_entry.id   5CY2
#
_cell.length_a   144.900
_cell.length_b   151.920
_cell.length_c   106.140
_cell.angle_alpha   90.00
_cell.angle_beta   99.85
_cell.angle_gamma   90.00
#
_symmetry.space_group_name_H-M   'C 1 2 1'
#
loop_
_entity.id
_entity.type
_entity.pdbx_description
1 polymer 'Transposon Tn3 resolvase'
2 polymer 'DNA (27-MER)'
3 polymer 'DNA (27-MER)'
#
loop_
_entity_poly.entity_id
_entity_poly.type
_entity_poly.pdbx_seq_one_letter_code
_entity_poly.pdbx_strand_id
1 'polypeptide(L)'
;MRIFGYARVSTSQQSLDIQIRALKDAGVKANRIFTDKASGSSTDREGLDLLRMKVEEGDVILVKKLDRLGRDTADMIQLI
KEFDAQGVAVRFIDDGISTDGDMGQMVVTILSAVAQAERRRILERTNEGRQEAKLKGIKFGRRRTVDRNVVLTLHQKGTG
ATEIAHQLSIARSTVYKILEDERASAHHHHHH
;
A,B,E,F
2 'polydeoxyribonucleotide'
;(DA)(DT)(DT)(DG)(DT)(DC)(DT)(DG)(DA)(DT)(DA)(DT)(DT)(DC)(DG)(DA)(DT)(DT)(DT)(DA)
(DA)(DG)(DG)(DT)(DA)(DC)(DA)
;
C,G
3 'polydeoxyribonucleotide'
;(DA)(DT)(DT)(DG)(DT)(DA)(DC)(DC)(DT)(DT)(DA)(DA)(DA)(DT)(DC)(DG)(DA)(DA)(DT)(DA)
(DT)(DC)(DA)(DG)(DA)(DC)(DA)
;
D,H
#
# COMPACT_ATOMS: atom_id res chain seq x y z
N MET A 1 4.56 15.72 1.11
CA MET A 1 4.66 16.05 -0.35
C MET A 1 5.58 15.07 -1.11
N ARG A 2 4.97 14.19 -1.91
CA ARG A 2 5.73 13.30 -2.78
C ARG A 2 5.25 13.37 -4.21
N ILE A 3 6.10 12.92 -5.11
CA ILE A 3 5.78 12.95 -6.54
C ILE A 3 5.88 11.53 -7.08
N PHE A 4 4.79 11.05 -7.69
CA PHE A 4 4.68 9.69 -8.25
C PHE A 4 4.35 9.72 -9.72
N GLY A 5 4.52 8.61 -10.41
CA GLY A 5 3.99 8.55 -11.76
C GLY A 5 3.51 7.19 -12.22
N TYR A 6 2.59 7.23 -13.21
CA TYR A 6 1.91 6.07 -13.77
C TYR A 6 2.01 6.02 -15.29
N ALA A 7 2.13 4.80 -15.84
CA ALA A 7 2.21 4.62 -17.29
C ALA A 7 1.48 3.37 -17.76
N ARG A 8 0.78 3.47 -18.89
CA ARG A 8 -0.08 2.37 -19.34
C ARG A 8 -0.13 2.13 -20.84
N VAL A 9 0.06 0.89 -21.27
CA VAL A 9 -0.06 0.54 -22.68
C VAL A 9 -0.92 -0.70 -22.89
N SER A 10 -0.94 -1.21 -24.11
CA SER A 10 -1.59 -2.49 -24.36
C SER A 10 -0.55 -3.57 -24.52
N THR A 11 0.31 -3.44 -25.50
CA THR A 11 1.39 -4.42 -25.73
C THR A 11 2.76 -3.76 -25.68
N SER A 12 2.96 -2.76 -26.53
CA SER A 12 4.28 -2.18 -26.79
C SER A 12 5.07 -1.81 -25.55
N GLN A 13 6.32 -2.24 -25.55
CA GLN A 13 7.26 -1.83 -24.52
C GLN A 13 7.71 -0.40 -24.81
N GLN A 14 7.89 -0.11 -26.10
CA GLN A 14 8.52 1.13 -26.53
C GLN A 14 7.69 2.34 -26.16
N SER A 15 6.40 2.25 -26.40
CA SER A 15 5.51 3.36 -26.07
C SER A 15 5.38 3.47 -24.56
N LEU A 16 5.79 2.43 -23.85
CA LEU A 16 5.79 2.52 -22.39
C LEU A 16 7.01 3.31 -21.90
N ASP A 17 8.18 2.90 -22.38
CA ASP A 17 9.43 3.55 -21.98
C ASP A 17 9.43 5.01 -22.36
N ILE A 18 8.71 5.34 -23.43
CA ILE A 18 8.58 6.72 -23.84
C ILE A 18 7.92 7.46 -22.70
N GLN A 19 6.93 6.83 -22.09
CA GLN A 19 6.24 7.45 -20.97
C GLN A 19 7.10 7.46 -19.72
N ILE A 20 7.86 6.40 -19.50
CA ILE A 20 8.71 6.33 -18.32
C ILE A 20 9.80 7.39 -18.43
N ARG A 21 10.45 7.43 -19.59
CA ARG A 21 11.55 8.34 -19.80
C ARG A 21 11.06 9.77 -19.64
N ALA A 22 9.81 10.03 -20.02
CA ALA A 22 9.24 11.37 -19.89
C ALA A 22 8.80 11.65 -18.46
N LEU A 23 8.52 10.60 -17.70
CA LEU A 23 8.19 10.74 -16.28
C LEU A 23 9.43 10.90 -15.40
N LYS A 24 10.56 10.31 -15.82
CA LYS A 24 11.82 10.55 -15.14
C LYS A 24 12.36 11.96 -15.47
N ASP A 25 12.08 12.45 -16.67
CA ASP A 25 12.51 13.80 -17.03
C ASP A 25 11.62 14.84 -16.38
N ALA A 26 10.48 14.41 -15.90
CA ALA A 26 9.60 15.29 -15.16
C ALA A 26 9.93 15.23 -13.68
N GLY A 27 11.02 14.55 -13.34
CA GLY A 27 11.49 14.52 -11.96
C GLY A 27 10.78 13.56 -11.02
N VAL A 28 10.52 12.34 -11.48
CA VAL A 28 9.92 11.30 -10.66
C VAL A 28 10.98 10.22 -10.43
N LYS A 29 11.20 9.87 -9.16
CA LYS A 29 12.22 8.89 -8.85
C LYS A 29 11.83 7.57 -9.49
N ALA A 30 12.80 6.72 -9.81
CA ALA A 30 12.53 5.49 -10.56
C ALA A 30 11.61 4.48 -9.84
N ASN A 31 11.69 4.43 -8.51
CA ASN A 31 10.89 3.48 -7.74
C ASN A 31 9.46 3.98 -7.54
N ARG A 32 9.23 5.25 -7.82
CA ARG A 32 7.93 5.88 -7.61
C ARG A 32 7.07 5.76 -8.87
N ILE A 33 7.55 4.99 -9.86
CA ILE A 33 6.83 4.80 -11.12
C ILE A 33 6.18 3.43 -11.29
N PHE A 34 4.89 3.41 -11.63
CA PHE A 34 4.12 2.17 -11.81
C PHE A 34 3.55 2.01 -13.21
N THR A 35 3.41 0.77 -13.64
CA THR A 35 2.96 0.51 -15.01
C THR A 35 1.92 -0.62 -15.08
N ASP A 36 1.28 -0.72 -16.24
CA ASP A 36 0.30 -1.76 -16.53
C ASP A 36 0.36 -2.16 -17.98
N LYS A 37 -0.25 -3.27 -18.33
CA LYS A 37 -0.45 -3.59 -19.72
C LYS A 37 -1.58 -4.60 -19.74
N ALA A 38 -2.29 -4.71 -20.86
CA ALA A 38 -3.33 -5.71 -20.94
C ALA A 38 -2.71 -7.01 -21.43
N SER A 42 -8.29 -9.34 -19.51
CA SER A 42 -7.61 -9.89 -18.34
C SER A 42 -7.69 -8.93 -17.16
N THR A 43 -7.66 -7.64 -17.52
CA THR A 43 -7.60 -6.55 -16.55
C THR A 43 -6.50 -6.78 -15.51
N ASP A 44 -5.25 -6.56 -15.93
CA ASP A 44 -4.18 -6.57 -14.96
C ASP A 44 -3.90 -5.09 -14.71
N ARG A 45 -4.46 -4.65 -13.60
CA ARG A 45 -4.35 -3.27 -13.14
C ARG A 45 -3.34 -3.12 -12.05
N GLU A 46 -2.59 -4.18 -11.82
CA GLU A 46 -1.76 -4.31 -10.64
C GLU A 46 -0.96 -3.05 -10.28
N GLY A 47 -0.36 -2.41 -11.28
CA GLY A 47 0.43 -1.22 -11.07
C GLY A 47 -0.39 -0.09 -10.51
N LEU A 48 -1.49 0.19 -11.17
CA LEU A 48 -2.38 1.25 -10.76
C LEU A 48 -2.98 1.00 -9.39
N ASP A 49 -3.03 -0.26 -8.97
CA ASP A 49 -3.54 -0.59 -7.63
C ASP A 49 -2.47 -0.35 -6.59
N LEU A 50 -1.25 -0.78 -6.87
CA LEU A 50 -0.14 -0.61 -5.96
C LEU A 50 0.03 0.84 -5.63
N LEU A 51 -0.11 1.65 -6.66
CA LEU A 51 -0.05 3.09 -6.51
C LEU A 51 -1.16 3.49 -5.54
N ARG A 52 -2.37 3.01 -5.80
CA ARG A 52 -3.50 3.44 -5.04
C ARG A 52 -3.14 3.45 -3.58
N MET A 53 -2.39 2.43 -3.18
CA MET A 53 -2.04 2.16 -1.79
C MET A 53 -1.09 3.22 -1.24
N LYS A 54 0.00 3.46 -1.97
CA LYS A 54 1.15 4.17 -1.41
C LYS A 54 1.01 5.68 -1.23
N VAL A 55 0.17 6.31 -2.04
CA VAL A 55 0.04 7.77 -1.96
C VAL A 55 -0.52 8.20 -0.63
N GLU A 56 -0.14 9.39 -0.21
CA GLU A 56 -0.65 9.99 1.00
C GLU A 56 -1.07 11.41 0.73
N GLU A 57 -1.90 11.96 1.60
CA GLU A 57 -2.46 13.27 1.35
C GLU A 57 -1.36 14.27 1.04
N GLY A 58 -1.57 15.01 -0.04
CA GLY A 58 -0.60 15.98 -0.48
C GLY A 58 0.36 15.49 -1.55
N ASP A 59 0.49 14.18 -1.68
CA ASP A 59 1.40 13.62 -2.67
C ASP A 59 0.73 13.79 -4.02
N VAL A 60 1.52 13.78 -5.09
CA VAL A 60 1.02 14.11 -6.41
C VAL A 60 1.51 13.17 -7.50
N ILE A 61 0.59 12.77 -8.38
CA ILE A 61 0.88 11.81 -9.45
C ILE A 61 0.93 12.39 -10.84
N LEU A 62 1.97 12.03 -11.59
CA LEU A 62 2.17 12.50 -12.96
C LEU A 62 1.87 11.45 -14.02
N VAL A 63 1.03 11.81 -15.00
CA VAL A 63 0.68 10.92 -16.11
C VAL A 63 0.89 11.71 -17.41
N LYS A 64 1.50 11.08 -18.42
CA LYS A 64 1.89 11.81 -19.63
C LYS A 64 0.67 12.44 -20.32
N LYS A 65 -0.35 11.64 -20.61
CA LYS A 65 -1.54 12.15 -21.30
C LYS A 65 -2.79 11.54 -20.67
N LEU A 66 -3.92 12.20 -20.79
CA LEU A 66 -5.14 11.71 -20.16
C LEU A 66 -5.49 10.29 -20.59
N ASP A 67 -5.27 9.99 -21.87
CA ASP A 67 -5.67 8.72 -22.41
C ASP A 67 -5.00 7.58 -21.65
N ARG A 68 -3.90 7.88 -20.96
CA ARG A 68 -3.11 6.85 -20.32
C ARG A 68 -3.58 6.52 -18.88
N LEU A 69 -4.69 7.09 -18.45
CA LEU A 69 -5.17 6.76 -17.12
C LEU A 69 -6.23 5.65 -17.14
N GLY A 70 -7.47 5.94 -17.51
CA GLY A 70 -8.52 4.93 -17.44
C GLY A 70 -8.68 4.05 -18.67
N ARG A 71 -9.46 2.98 -18.55
CA ARG A 71 -9.69 2.14 -19.73
C ARG A 71 -10.77 2.84 -20.57
N ASP A 72 -11.48 3.79 -19.97
CA ASP A 72 -12.37 4.63 -20.74
C ASP A 72 -12.63 5.91 -19.97
N THR A 73 -13.50 6.75 -20.53
CA THR A 73 -13.79 8.07 -19.99
C THR A 73 -14.28 7.98 -18.56
N ALA A 74 -15.04 6.93 -18.25
CA ALA A 74 -15.51 6.74 -16.89
C ALA A 74 -14.38 6.36 -15.95
N ASP A 75 -13.66 5.29 -16.26
CA ASP A 75 -12.64 4.77 -15.36
C ASP A 75 -11.74 5.93 -15.01
N MET A 76 -11.46 6.74 -16.02
CA MET A 76 -10.55 7.85 -15.87
C MET A 76 -11.08 8.87 -14.85
N ILE A 77 -12.32 9.31 -14.99
CA ILE A 77 -12.91 10.27 -14.05
C ILE A 77 -13.09 9.63 -12.65
N GLN A 78 -13.59 8.41 -12.63
CA GLN A 78 -13.80 7.69 -11.39
C GLN A 78 -12.54 7.71 -10.56
N LEU A 79 -11.40 7.51 -11.19
CA LEU A 79 -10.16 7.44 -10.45
C LEU A 79 -9.80 8.79 -9.89
N ILE A 80 -10.00 9.84 -10.66
CA ILE A 80 -9.57 11.14 -10.22
C ILE A 80 -10.34 11.62 -8.99
N LYS A 81 -11.67 11.52 -9.03
CA LYS A 81 -12.46 11.88 -7.87
C LYS A 81 -11.87 11.18 -6.63
N GLU A 82 -11.55 9.90 -6.81
CA GLU A 82 -11.01 9.04 -5.77
C GLU A 82 -9.70 9.60 -5.23
N PHE A 83 -8.86 10.13 -6.11
CA PHE A 83 -7.64 10.78 -5.64
C PHE A 83 -7.87 12.14 -5.01
N ASP A 84 -8.77 12.93 -5.59
CA ASP A 84 -9.08 14.25 -5.07
C ASP A 84 -9.75 14.09 -3.70
N ALA A 85 -10.39 12.94 -3.47
CA ALA A 85 -10.97 12.64 -2.17
C ALA A 85 -9.90 12.51 -1.10
N GLN A 86 -8.73 12.01 -1.50
CA GLN A 86 -7.65 11.78 -0.56
C GLN A 86 -6.74 12.98 -0.39
N GLY A 87 -7.03 14.06 -1.09
CA GLY A 87 -6.11 15.18 -1.14
C GLY A 87 -4.92 14.84 -2.02
N VAL A 88 -5.07 13.77 -2.81
CA VAL A 88 -4.08 13.38 -3.79
C VAL A 88 -4.36 14.10 -5.10
N ALA A 89 -3.32 14.75 -5.61
CA ALA A 89 -3.44 15.52 -6.83
C ALA A 89 -2.86 14.77 -8.03
N VAL A 90 -3.54 14.86 -9.17
CA VAL A 90 -3.06 14.28 -10.42
C VAL A 90 -2.80 15.37 -11.45
N ARG A 91 -1.65 15.29 -12.11
CA ARG A 91 -1.22 16.28 -13.08
C ARG A 91 -0.83 15.61 -14.39
N PHE A 92 -1.43 16.04 -15.50
CA PHE A 92 -1.03 15.52 -16.80
C PHE A 92 -0.07 16.43 -17.57
N ILE A 93 1.11 15.90 -17.89
CA ILE A 93 2.12 16.71 -18.53
C ILE A 93 1.64 17.33 -19.84
N ASP A 94 1.51 16.50 -20.86
CA ASP A 94 1.44 16.99 -22.22
C ASP A 94 0.17 17.79 -22.47
N ASP A 95 -0.87 17.56 -21.68
CA ASP A 95 -2.08 18.36 -21.82
C ASP A 95 -2.12 19.57 -20.89
N GLY A 96 -1.17 19.66 -19.98
CA GLY A 96 -1.08 20.83 -19.12
C GLY A 96 -2.26 21.04 -18.18
N ILE A 97 -2.70 19.95 -17.54
CA ILE A 97 -3.89 19.99 -16.68
C ILE A 97 -3.61 19.36 -15.32
N SER A 98 -4.12 20.02 -14.29
CA SER A 98 -3.87 19.61 -12.92
C SER A 98 -5.17 19.70 -12.11
N THR A 99 -5.32 18.89 -11.08
CA THR A 99 -6.51 18.95 -10.22
C THR A 99 -6.28 19.90 -9.04
N ASP A 100 -5.11 20.53 -9.04
CA ASP A 100 -4.71 21.42 -7.96
C ASP A 100 -4.27 22.74 -8.53
N GLY A 101 -3.74 23.58 -7.66
CA GLY A 101 -3.42 24.94 -8.03
C GLY A 101 -4.72 25.70 -8.13
N ASP A 102 -4.84 26.58 -9.13
CA ASP A 102 -5.96 27.50 -9.16
C ASP A 102 -7.16 26.87 -9.83
N MET A 103 -7.02 26.59 -11.10
CA MET A 103 -8.13 26.05 -11.84
C MET A 103 -8.36 24.58 -11.45
N GLY A 104 -7.48 24.03 -10.60
CA GLY A 104 -7.60 22.64 -10.16
C GLY A 104 -8.98 22.18 -9.69
N GLN A 105 -9.73 23.03 -9.00
CA GLN A 105 -11.09 22.70 -8.62
C GLN A 105 -12.04 22.70 -9.79
N MET A 106 -11.95 23.78 -10.58
CA MET A 106 -12.76 23.99 -11.77
C MET A 106 -12.58 22.78 -12.70
N VAL A 107 -11.43 22.12 -12.55
CA VAL A 107 -11.12 20.91 -13.30
C VAL A 107 -11.97 19.73 -12.80
N VAL A 108 -11.95 19.48 -11.50
CA VAL A 108 -12.63 18.31 -10.98
C VAL A 108 -14.13 18.58 -10.97
N THR A 109 -14.50 19.84 -10.76
CA THR A 109 -15.92 20.19 -10.67
C THR A 109 -16.65 19.75 -11.94
N ILE A 110 -16.08 20.04 -13.11
CA ILE A 110 -16.76 19.76 -14.36
C ILE A 110 -16.72 18.25 -14.70
N LEU A 111 -15.58 17.62 -14.43
CA LEU A 111 -15.43 16.18 -14.67
C LEU A 111 -16.50 15.41 -13.92
N SER A 112 -16.92 15.94 -12.78
CA SER A 112 -17.99 15.35 -11.99
C SER A 112 -19.33 15.55 -12.70
N ALA A 113 -19.38 16.54 -13.58
CA ALA A 113 -20.59 16.82 -14.33
C ALA A 113 -20.77 15.78 -15.43
N VAL A 114 -19.74 15.54 -16.24
CA VAL A 114 -19.85 14.57 -17.33
C VAL A 114 -20.09 13.15 -16.88
N ALA A 115 -19.42 12.71 -15.82
CA ALA A 115 -19.65 11.39 -15.30
C ALA A 115 -21.14 11.29 -15.05
N GLN A 116 -21.65 12.20 -14.23
CA GLN A 116 -23.07 12.20 -13.89
C GLN A 116 -23.97 12.60 -15.07
N ALA A 117 -23.37 13.22 -16.08
CA ALA A 117 -24.09 13.45 -17.33
C ALA A 117 -24.17 12.13 -18.09
N GLU A 118 -23.02 11.47 -18.25
CA GLU A 118 -22.97 10.22 -19.02
C GLU A 118 -23.42 9.01 -18.21
N ARG A 119 -23.36 9.09 -16.88
CA ARG A 119 -24.03 8.06 -16.06
C ARG A 119 -25.48 8.10 -16.44
N ARG A 120 -25.96 9.30 -16.70
CA ARG A 120 -27.37 9.50 -16.99
C ARG A 120 -27.70 9.11 -18.43
N ARG A 121 -26.68 9.06 -19.29
CA ARG A 121 -26.85 8.61 -20.68
C ARG A 121 -26.88 7.09 -20.75
N ILE A 122 -26.10 6.46 -19.88
CA ILE A 122 -26.03 5.01 -19.75
C ILE A 122 -27.36 4.42 -19.31
N LEU A 123 -28.07 5.21 -18.50
CA LEU A 123 -29.37 4.83 -17.98
C LEU A 123 -30.49 5.00 -19.03
N GLU A 124 -30.26 5.89 -20.00
CA GLU A 124 -31.20 6.15 -21.12
C GLU A 124 -31.27 4.97 -22.11
N ARG A 125 -30.09 4.55 -22.56
CA ARG A 125 -29.91 3.41 -23.44
C ARG A 125 -30.50 2.14 -22.82
N THR A 126 -30.12 1.89 -21.57
CA THR A 126 -30.44 0.65 -20.87
C THR A 126 -31.92 0.28 -20.91
N ASN A 127 -32.76 1.27 -20.70
CA ASN A 127 -34.21 1.07 -20.69
C ASN A 127 -34.74 0.59 -22.06
N GLU A 128 -34.31 1.26 -23.14
CA GLU A 128 -34.70 0.88 -24.51
C GLU A 128 -33.86 -0.27 -25.06
N GLY A 129 -32.53 -0.13 -24.92
CA GLY A 129 -31.57 -1.06 -25.50
C GLY A 129 -30.53 -0.38 -26.37
N LYS A 136 -18.47 3.31 -31.44
CA LYS A 136 -17.23 3.96 -31.03
C LYS A 136 -17.23 5.43 -31.44
N GLY A 137 -17.97 5.74 -32.52
CA GLY A 137 -18.13 7.10 -33.01
C GLY A 137 -17.21 7.40 -34.18
N ILE A 138 -16.12 6.68 -34.26
CA ILE A 138 -15.21 6.78 -35.40
C ILE A 138 -15.59 5.71 -36.38
N LYS A 139 -15.87 6.13 -37.60
CA LYS A 139 -16.25 5.22 -38.66
C LYS A 139 -15.00 4.49 -39.02
N PHE A 140 -15.14 3.30 -39.56
CA PHE A 140 -13.96 2.56 -40.00
C PHE A 140 -14.29 1.88 -41.30
N GLY A 141 -13.27 1.34 -41.95
CA GLY A 141 -13.50 0.33 -42.96
C GLY A 141 -14.14 0.76 -44.27
N ARG A 142 -14.03 -0.10 -45.28
CA ARG A 142 -14.38 0.25 -46.63
C ARG A 142 -15.80 0.83 -46.67
N ARG A 143 -16.03 1.74 -47.59
CA ARG A 143 -17.35 2.30 -47.84
C ARG A 143 -18.20 1.40 -48.71
N ARG A 144 -19.52 1.49 -48.56
CA ARG A 144 -20.38 0.67 -49.38
C ARG A 144 -20.47 1.29 -50.76
N THR A 145 -19.92 0.55 -51.72
CA THR A 145 -19.92 0.99 -53.09
C THR A 145 -21.13 0.38 -53.78
N VAL A 146 -21.79 -0.57 -53.10
CA VAL A 146 -22.93 -1.27 -53.66
C VAL A 146 -24.22 -0.69 -53.11
N ASP A 147 -25.17 -0.46 -54.01
CA ASP A 147 -26.51 -0.04 -53.64
C ASP A 147 -27.23 -1.27 -53.12
N ARG A 148 -27.75 -1.17 -51.90
CA ARG A 148 -28.42 -2.33 -51.32
C ARG A 148 -29.85 -2.41 -51.80
N ASN A 149 -30.46 -1.24 -51.94
CA ASN A 149 -31.84 -1.15 -52.38
C ASN A 149 -32.02 -1.93 -53.70
N VAL A 150 -31.03 -1.86 -54.57
CA VAL A 150 -31.09 -2.53 -55.87
C VAL A 150 -31.11 -4.05 -55.77
N VAL A 151 -30.25 -4.60 -54.91
CA VAL A 151 -30.15 -6.05 -54.73
C VAL A 151 -31.40 -6.60 -54.04
N LEU A 152 -31.99 -5.82 -53.13
CA LEU A 152 -33.18 -6.24 -52.39
C LEU A 152 -34.40 -6.41 -53.27
N THR A 153 -34.61 -5.43 -54.13
CA THR A 153 -35.77 -5.41 -55.01
C THR A 153 -35.70 -6.52 -56.05
N LEU A 154 -34.51 -6.76 -56.60
CA LEU A 154 -34.37 -7.78 -57.64
C LEU A 154 -34.67 -9.20 -57.13
N HIS A 155 -34.02 -9.57 -56.02
CA HIS A 155 -34.25 -10.85 -55.36
C HIS A 155 -35.67 -10.96 -54.84
N GLN A 156 -36.24 -9.80 -54.49
CA GLN A 156 -37.63 -9.73 -54.08
C GLN A 156 -38.57 -10.07 -55.25
N LYS A 157 -38.15 -9.70 -56.46
CA LYS A 157 -38.91 -10.00 -57.67
C LYS A 157 -38.75 -11.44 -58.18
N GLY A 158 -37.81 -12.18 -57.60
CA GLY A 158 -37.59 -13.55 -58.00
C GLY A 158 -36.38 -13.74 -58.88
N THR A 159 -35.58 -12.68 -59.00
CA THR A 159 -34.34 -12.75 -59.75
C THR A 159 -33.34 -13.62 -58.99
N GLY A 160 -32.82 -14.64 -59.66
CA GLY A 160 -31.88 -15.57 -59.06
C GLY A 160 -30.61 -14.89 -58.60
N ALA A 161 -29.81 -15.62 -57.83
CA ALA A 161 -28.59 -15.07 -57.24
C ALA A 161 -27.61 -14.62 -58.34
N THR A 162 -27.33 -15.53 -59.29
CA THR A 162 -26.34 -15.30 -60.33
C THR A 162 -26.76 -14.25 -61.38
N GLU A 163 -28.06 -14.05 -61.58
CA GLU A 163 -28.55 -13.08 -62.54
C GLU A 163 -28.26 -11.67 -62.08
N ILE A 164 -28.40 -11.43 -60.77
CA ILE A 164 -28.11 -10.12 -60.18
C ILE A 164 -26.61 -9.84 -60.17
N ALA A 165 -25.82 -10.89 -59.88
CA ALA A 165 -24.38 -10.76 -59.78
C ALA A 165 -23.73 -10.34 -61.10
N HIS A 166 -24.31 -10.83 -62.20
CA HIS A 166 -23.83 -10.50 -63.52
C HIS A 166 -24.36 -9.13 -63.96
N GLN A 167 -25.52 -8.77 -63.43
CA GLN A 167 -26.20 -7.54 -63.80
C GLN A 167 -25.38 -6.37 -63.28
N LEU A 168 -25.08 -6.39 -61.99
CA LEU A 168 -24.38 -5.30 -61.29
C LEU A 168 -22.86 -5.49 -61.17
N SER A 169 -22.35 -6.54 -61.81
CA SER A 169 -20.92 -6.77 -61.90
C SER A 169 -20.27 -7.03 -60.56
N ILE A 170 -21.09 -7.46 -59.61
CA ILE A 170 -20.58 -7.87 -58.30
C ILE A 170 -20.36 -9.37 -58.32
N ALA A 171 -19.78 -9.90 -57.26
CA ALA A 171 -19.66 -11.34 -57.10
C ALA A 171 -20.96 -11.87 -56.55
N ARG A 172 -21.23 -13.15 -56.81
CA ARG A 172 -22.46 -13.77 -56.31
C ARG A 172 -22.45 -13.74 -54.78
N SER A 173 -21.34 -14.21 -54.19
CA SER A 173 -21.23 -14.34 -52.75
C SER A 173 -21.60 -13.06 -52.01
N THR A 174 -21.27 -11.92 -52.61
CA THR A 174 -21.68 -10.63 -52.08
C THR A 174 -23.18 -10.52 -52.07
N VAL A 175 -23.83 -11.18 -53.02
CA VAL A 175 -25.26 -11.03 -53.17
C VAL A 175 -25.91 -11.62 -51.93
N TYR A 176 -25.36 -12.73 -51.44
CA TYR A 176 -25.89 -13.41 -50.27
C TYR A 176 -25.58 -12.64 -48.98
N LYS A 177 -24.41 -12.01 -48.91
CA LYS A 177 -24.09 -11.22 -47.74
C LYS A 177 -25.14 -10.12 -47.62
N ILE A 178 -25.40 -9.43 -48.73
CA ILE A 178 -26.31 -8.30 -48.72
C ILE A 178 -27.66 -8.80 -48.23
N LEU A 179 -28.03 -10.02 -48.59
CA LEU A 179 -29.33 -10.56 -48.19
C LEU A 179 -29.36 -10.91 -46.70
N GLU A 180 -28.28 -11.50 -46.19
CA GLU A 180 -28.23 -11.99 -44.80
C GLU A 180 -28.25 -10.82 -43.82
N ASP A 181 -27.67 -9.72 -44.25
CA ASP A 181 -27.59 -8.54 -43.40
C ASP A 181 -28.98 -7.94 -43.21
N GLU A 182 -29.73 -7.83 -44.31
CA GLU A 182 -31.02 -7.15 -44.26
C GLU A 182 -32.05 -8.02 -43.54
N ARG A 183 -31.79 -9.32 -43.52
CA ARG A 183 -32.66 -10.32 -42.90
C ARG A 183 -32.56 -10.39 -41.38
N ALA A 184 -31.35 -10.19 -40.86
CA ALA A 184 -31.12 -10.15 -39.43
C ALA A 184 -31.64 -8.83 -38.83
N SER A 185 -31.53 -7.77 -39.62
CA SER A 185 -32.01 -6.44 -39.24
C SER A 185 -33.52 -6.50 -39.01
N ALA A 186 -34.23 -7.18 -39.92
CA ALA A 186 -35.67 -7.36 -39.81
C ALA A 186 -36.01 -8.33 -38.67
N MET B 1 -27.17 39.98 -28.00
CA MET B 1 -27.06 39.15 -26.76
C MET B 1 -28.39 38.50 -26.44
N ARG B 2 -28.95 37.80 -27.41
CA ARG B 2 -30.22 37.12 -27.23
C ARG B 2 -30.04 35.92 -26.28
N ILE B 3 -31.15 35.50 -25.68
CA ILE B 3 -31.15 34.38 -24.73
C ILE B 3 -31.98 33.22 -25.28
N PHE B 4 -31.30 32.12 -25.61
CA PHE B 4 -31.95 30.96 -26.21
C PHE B 4 -31.83 29.80 -25.24
N GLY B 5 -32.65 28.76 -25.43
CA GLY B 5 -32.50 27.55 -24.62
C GLY B 5 -32.91 26.28 -25.33
N TYR B 6 -32.30 25.17 -24.93
CA TYR B 6 -32.48 23.90 -25.61
C TYR B 6 -32.77 22.79 -24.60
N ALA B 7 -33.58 21.82 -25.03
CA ALA B 7 -33.83 20.63 -24.26
C ALA B 7 -33.90 19.48 -25.25
N ARG B 8 -33.75 18.26 -24.75
CA ARG B 8 -33.91 17.08 -25.56
C ARG B 8 -34.35 15.93 -24.65
N VAL B 9 -35.05 14.98 -25.24
CA VAL B 9 -35.36 13.75 -24.56
C VAL B 9 -35.20 12.63 -25.59
N SER B 10 -35.36 11.39 -25.15
CA SER B 10 -35.43 10.26 -26.08
C SER B 10 -36.90 10.03 -26.38
N THR B 11 -37.65 9.72 -25.33
CA THR B 11 -39.08 9.50 -25.45
C THR B 11 -39.89 10.57 -24.71
N SER B 12 -39.73 10.63 -23.39
CA SER B 12 -40.72 11.22 -22.47
C SER B 12 -41.09 12.68 -22.76
N GLN B 13 -42.40 12.95 -22.68
CA GLN B 13 -42.96 14.29 -22.78
C GLN B 13 -42.84 15.06 -21.44
N GLN B 14 -43.22 14.42 -20.33
CA GLN B 14 -43.22 15.05 -19.00
C GLN B 14 -41.89 15.74 -18.65
N SER B 15 -40.77 15.06 -18.89
CA SER B 15 -39.45 15.60 -18.56
C SER B 15 -39.10 16.76 -19.50
N LEU B 16 -39.78 16.78 -20.64
CA LEU B 16 -39.59 17.85 -21.63
C LEU B 16 -40.26 19.13 -21.14
N ASP B 17 -41.27 18.98 -20.26
CA ASP B 17 -41.95 20.12 -19.65
C ASP B 17 -41.16 20.70 -18.49
N ILE B 18 -40.56 19.83 -17.67
CA ILE B 18 -39.78 20.25 -16.52
C ILE B 18 -38.59 21.11 -16.97
N GLN B 19 -37.91 20.67 -18.03
CA GLN B 19 -36.84 21.44 -18.66
C GLN B 19 -37.31 22.82 -19.11
N ILE B 20 -38.40 22.86 -19.89
CA ILE B 20 -38.97 24.11 -20.38
C ILE B 20 -39.46 24.98 -19.22
N ARG B 21 -39.93 24.35 -18.15
CA ARG B 21 -40.40 25.09 -16.97
C ARG B 21 -39.22 25.71 -16.23
N ALA B 22 -38.13 24.96 -16.13
CA ALA B 22 -36.89 25.48 -15.54
C ALA B 22 -36.32 26.62 -16.37
N LEU B 23 -36.40 26.49 -17.69
CA LEU B 23 -35.79 27.44 -18.62
C LEU B 23 -36.55 28.78 -18.70
N LYS B 24 -37.87 28.74 -18.59
CA LYS B 24 -38.64 29.97 -18.56
C LYS B 24 -38.43 30.65 -17.22
N ASP B 25 -38.33 29.84 -16.17
CA ASP B 25 -38.02 30.34 -14.83
C ASP B 25 -36.60 30.88 -14.74
N ALA B 26 -35.83 30.67 -15.81
CA ALA B 26 -34.51 31.29 -15.97
C ALA B 26 -34.56 32.60 -16.77
N GLY B 27 -35.77 33.06 -17.09
CA GLY B 27 -35.93 34.29 -17.86
C GLY B 27 -35.63 34.03 -19.31
N VAL B 28 -36.13 32.90 -19.81
CA VAL B 28 -36.05 32.59 -21.23
C VAL B 28 -37.44 32.79 -21.82
N LYS B 29 -37.54 33.65 -22.83
CA LYS B 29 -38.79 33.89 -23.52
C LYS B 29 -39.27 32.58 -24.16
N ALA B 30 -40.59 32.45 -24.30
CA ALA B 30 -41.17 31.21 -24.83
C ALA B 30 -40.75 30.96 -26.28
N ASN B 31 -40.60 32.02 -27.06
CA ASN B 31 -40.28 31.89 -28.49
C ASN B 31 -38.77 31.70 -28.72
N ARG B 32 -37.99 31.71 -27.64
CA ARG B 32 -36.53 31.56 -27.73
C ARG B 32 -36.04 30.12 -27.43
N ILE B 33 -36.97 29.17 -27.26
CA ILE B 33 -36.62 27.80 -26.86
C ILE B 33 -36.87 26.75 -27.98
N PHE B 34 -35.97 25.76 -28.08
CA PHE B 34 -36.07 24.68 -29.09
C PHE B 34 -35.97 23.33 -28.39
N THR B 35 -36.48 22.29 -29.05
CA THR B 35 -36.57 20.96 -28.44
C THR B 35 -36.40 19.82 -29.45
N ASP B 36 -36.24 18.58 -28.95
CA ASP B 36 -36.10 17.40 -29.81
C ASP B 36 -36.64 16.12 -29.14
N LYS B 37 -36.99 15.13 -29.96
CA LYS B 37 -37.51 13.84 -29.47
C LYS B 37 -37.27 12.71 -30.48
N ALA B 38 -37.45 11.46 -30.02
CA ALA B 38 -37.36 10.29 -30.91
C ALA B 38 -38.74 9.88 -31.42
N ASP B 44 -34.67 12.65 -35.55
CA ASP B 44 -35.27 13.97 -35.68
C ASP B 44 -34.53 14.99 -34.80
N ARG B 45 -33.34 15.41 -35.22
CA ARG B 45 -32.56 16.42 -34.52
C ARG B 45 -32.92 17.84 -34.95
N GLU B 46 -33.94 17.95 -35.79
CA GLU B 46 -34.20 19.15 -36.61
C GLU B 46 -34.14 20.50 -35.87
N GLY B 47 -34.69 20.58 -34.65
CA GLY B 47 -34.74 21.83 -33.91
C GLY B 47 -33.38 22.37 -33.53
N LEU B 48 -32.49 21.45 -33.15
CA LEU B 48 -31.11 21.78 -32.87
C LEU B 48 -30.50 22.47 -34.08
N ASP B 49 -30.72 21.90 -35.25
CA ASP B 49 -30.21 22.45 -36.49
C ASP B 49 -30.71 23.87 -36.67
N LEU B 50 -32.01 24.06 -36.45
CA LEU B 50 -32.62 25.38 -36.47
C LEU B 50 -31.85 26.33 -35.58
N LEU B 51 -31.47 25.84 -34.39
CA LEU B 51 -30.74 26.63 -33.44
C LEU B 51 -29.35 26.97 -33.99
N ARG B 52 -28.69 25.98 -34.60
CA ARG B 52 -27.39 26.21 -35.24
C ARG B 52 -27.49 27.39 -36.20
N MET B 53 -28.61 27.46 -36.93
CA MET B 53 -28.87 28.52 -37.91
C MET B 53 -28.96 29.90 -37.24
N LYS B 54 -29.85 30.00 -36.25
CA LYS B 54 -30.28 31.27 -35.65
C LYS B 54 -29.18 32.03 -34.94
N VAL B 55 -28.42 31.29 -34.14
CA VAL B 55 -27.41 31.88 -33.29
C VAL B 55 -26.46 32.79 -34.07
N GLU B 56 -26.22 33.96 -33.50
CA GLU B 56 -25.18 34.86 -33.99
C GLU B 56 -24.14 34.99 -32.89
N GLU B 57 -22.94 35.40 -33.27
CA GLU B 57 -21.88 35.59 -32.31
C GLU B 57 -22.37 36.41 -31.11
N GLY B 58 -21.99 36.00 -29.91
CA GLY B 58 -22.36 36.71 -28.69
C GLY B 58 -23.61 36.21 -28.02
N ASP B 59 -24.48 35.54 -28.78
CA ASP B 59 -25.71 34.96 -28.24
C ASP B 59 -25.36 33.82 -27.26
N VAL B 60 -26.26 33.57 -26.30
CA VAL B 60 -26.00 32.56 -25.26
C VAL B 60 -27.20 31.59 -25.11
N ILE B 61 -26.87 30.31 -24.96
CA ILE B 61 -27.87 29.24 -24.86
C ILE B 61 -27.85 28.53 -23.50
N LEU B 62 -29.02 28.31 -22.91
CA LEU B 62 -29.12 27.64 -21.61
C LEU B 62 -29.66 26.21 -21.77
N VAL B 63 -29.04 25.26 -21.07
CA VAL B 63 -29.49 23.87 -21.04
C VAL B 63 -29.55 23.36 -19.59
N LYS B 64 -30.52 22.49 -19.30
CA LYS B 64 -30.67 21.93 -17.97
C LYS B 64 -29.40 21.21 -17.54
N LYS B 65 -29.15 20.07 -18.16
CA LYS B 65 -27.98 19.26 -17.85
C LYS B 65 -27.24 18.94 -19.14
N LEU B 66 -25.99 18.56 -19.00
CA LEU B 66 -25.16 18.14 -20.12
C LEU B 66 -25.82 17.03 -20.93
N ASP B 67 -26.34 16.03 -20.21
CA ASP B 67 -26.87 14.82 -20.86
C ASP B 67 -28.01 15.12 -21.84
N ARG B 68 -28.54 16.33 -21.76
CA ARG B 68 -29.68 16.72 -22.60
C ARG B 68 -29.20 17.37 -23.89
N LEU B 69 -27.90 17.37 -24.17
CA LEU B 69 -27.37 18.17 -25.28
C LEU B 69 -27.05 17.38 -26.56
N GLY B 70 -25.94 16.65 -26.54
CA GLY B 70 -25.60 15.77 -27.64
C GLY B 70 -26.12 14.39 -27.33
N ARG B 71 -26.19 13.51 -28.32
CA ARG B 71 -26.70 12.16 -28.07
C ARG B 71 -25.69 11.38 -27.19
N ASP B 72 -24.41 11.75 -27.27
CA ASP B 72 -23.39 11.11 -26.44
C ASP B 72 -22.37 12.12 -25.90
N THR B 73 -21.36 11.62 -25.18
CA THR B 73 -20.31 12.46 -24.59
C THR B 73 -19.47 13.11 -25.67
N ALA B 74 -19.25 12.40 -26.75
CA ALA B 74 -18.53 12.96 -27.90
C ALA B 74 -19.35 14.04 -28.62
N ASP B 75 -20.54 13.69 -29.09
CA ASP B 75 -21.36 14.63 -29.85
C ASP B 75 -21.58 15.91 -29.05
N MET B 76 -21.85 15.75 -27.75
CA MET B 76 -22.05 16.89 -26.88
C MET B 76 -20.90 17.87 -26.98
N ILE B 77 -19.68 17.35 -26.89
CA ILE B 77 -18.50 18.21 -26.98
C ILE B 77 -18.42 18.85 -28.35
N GLN B 78 -18.69 18.03 -29.36
CA GLN B 78 -18.66 18.49 -30.74
C GLN B 78 -19.49 19.77 -30.85
N LEU B 79 -20.75 19.67 -30.44
CA LEU B 79 -21.65 20.79 -30.59
C LEU B 79 -21.11 22.02 -29.88
N ILE B 80 -20.57 21.86 -28.67
CA ILE B 80 -20.13 23.02 -27.91
C ILE B 80 -18.99 23.67 -28.66
N LYS B 81 -18.00 22.86 -29.04
CA LYS B 81 -16.87 23.34 -29.84
C LYS B 81 -17.39 24.14 -31.06
N GLU B 82 -18.39 23.58 -31.76
CA GLU B 82 -19.03 24.24 -32.91
C GLU B 82 -19.55 25.62 -32.51
N PHE B 83 -20.09 25.72 -31.31
CA PHE B 83 -20.69 26.97 -30.84
C PHE B 83 -19.68 27.99 -30.30
N ASP B 84 -18.57 27.54 -29.72
CA ASP B 84 -17.54 28.47 -29.28
C ASP B 84 -16.62 28.80 -30.45
N ALA B 85 -16.77 28.05 -31.54
CA ALA B 85 -16.14 28.43 -32.81
C ALA B 85 -16.74 29.76 -33.28
N GLN B 86 -18.05 29.88 -33.10
CA GLN B 86 -18.84 30.98 -33.62
C GLN B 86 -18.89 32.14 -32.63
N GLY B 87 -18.09 32.06 -31.57
CA GLY B 87 -18.15 33.06 -30.52
C GLY B 87 -19.42 32.98 -29.69
N VAL B 88 -20.17 31.88 -29.84
CA VAL B 88 -21.33 31.60 -28.98
C VAL B 88 -20.81 31.08 -27.63
N ALA B 89 -21.63 31.25 -26.60
CA ALA B 89 -21.34 30.68 -25.29
C ALA B 89 -22.53 29.83 -24.83
N VAL B 90 -22.26 28.75 -24.08
CA VAL B 90 -23.32 27.91 -23.51
C VAL B 90 -23.21 27.90 -21.99
N ARG B 91 -24.36 27.81 -21.33
CA ARG B 91 -24.42 27.77 -19.88
C ARG B 91 -25.37 26.65 -19.44
N PHE B 92 -24.85 25.72 -18.64
CA PHE B 92 -25.65 24.63 -18.09
C PHE B 92 -26.14 24.98 -16.69
N ILE B 93 -27.40 24.70 -16.41
CA ILE B 93 -28.04 25.21 -15.22
C ILE B 93 -27.75 24.33 -14.01
N ASP B 94 -28.23 23.10 -14.03
CA ASP B 94 -28.18 22.23 -12.87
C ASP B 94 -26.75 21.98 -12.35
N ASP B 95 -25.79 21.87 -13.27
CA ASP B 95 -24.39 21.66 -12.90
C ASP B 95 -23.59 22.96 -12.81
N GLY B 96 -24.18 24.08 -13.22
CA GLY B 96 -23.61 25.40 -13.03
C GLY B 96 -22.32 25.75 -13.80
N ILE B 97 -22.36 25.67 -15.12
CA ILE B 97 -21.14 25.77 -15.91
C ILE B 97 -21.31 26.67 -17.13
N SER B 98 -20.28 27.44 -17.45
CA SER B 98 -20.31 28.40 -18.57
C SER B 98 -19.07 28.32 -19.48
N THR B 99 -19.29 28.38 -20.79
CA THR B 99 -18.20 28.45 -21.77
C THR B 99 -17.72 29.89 -21.97
N ASP B 100 -18.26 30.82 -21.20
CA ASP B 100 -17.83 32.22 -21.27
C ASP B 100 -17.30 32.72 -19.93
N GLY B 101 -16.98 34.01 -19.90
CA GLY B 101 -16.47 34.64 -18.70
C GLY B 101 -15.02 34.23 -18.48
N ASP B 102 -14.64 34.02 -17.23
CA ASP B 102 -13.28 33.60 -16.93
C ASP B 102 -13.08 32.14 -17.29
N MET B 103 -13.83 31.27 -16.61
CA MET B 103 -13.71 29.85 -16.82
C MET B 103 -14.05 29.49 -18.27
N GLY B 104 -14.62 30.44 -18.99
CA GLY B 104 -15.01 30.18 -20.36
C GLY B 104 -13.93 29.46 -21.16
N GLN B 105 -12.68 29.88 -21.02
CA GLN B 105 -11.61 29.18 -21.72
C GLN B 105 -11.21 27.94 -20.95
N MET B 106 -11.16 28.05 -19.64
CA MET B 106 -10.86 26.89 -18.81
C MET B 106 -11.75 25.73 -19.23
N VAL B 107 -13.03 26.00 -19.40
CA VAL B 107 -13.99 24.96 -19.70
C VAL B 107 -13.63 24.22 -20.99
N VAL B 108 -13.55 24.93 -22.11
CA VAL B 108 -13.42 24.26 -23.40
C VAL B 108 -11.99 23.82 -23.67
N THR B 109 -11.02 24.34 -22.91
CA THR B 109 -9.68 23.77 -22.99
C THR B 109 -9.78 22.28 -22.77
N ILE B 110 -10.59 21.94 -21.76
CA ILE B 110 -10.68 20.61 -21.18
C ILE B 110 -11.54 19.62 -21.97
N LEU B 111 -12.76 20.01 -22.30
CA LEU B 111 -13.62 19.11 -23.05
C LEU B 111 -12.97 18.74 -24.35
N SER B 112 -12.02 19.54 -24.80
CA SER B 112 -11.24 19.20 -25.98
C SER B 112 -10.41 17.98 -25.68
N ALA B 113 -9.59 18.07 -24.63
CA ALA B 113 -8.65 17.00 -24.30
C ALA B 113 -9.38 15.69 -24.12
N VAL B 114 -10.55 15.76 -23.50
CA VAL B 114 -11.32 14.58 -23.22
C VAL B 114 -11.65 13.84 -24.51
N ALA B 115 -12.34 14.51 -25.42
CA ALA B 115 -12.70 13.89 -26.68
C ALA B 115 -11.45 13.30 -27.29
N GLN B 116 -10.42 14.13 -27.46
CA GLN B 116 -9.20 13.72 -28.16
C GLN B 116 -8.47 12.64 -27.40
N ALA B 117 -8.61 12.64 -26.08
CA ALA B 117 -8.12 11.51 -25.31
C ALA B 117 -8.82 10.24 -25.78
N GLU B 118 -10.13 10.15 -25.53
CA GLU B 118 -10.84 8.90 -25.75
C GLU B 118 -10.71 8.48 -27.21
N ARG B 119 -10.55 9.45 -28.12
CA ARG B 119 -10.21 9.11 -29.49
C ARG B 119 -8.88 8.37 -29.52
N ARG B 120 -7.90 8.92 -28.84
CA ARG B 120 -6.56 8.34 -28.83
C ARG B 120 -6.59 6.95 -28.21
N ARG B 121 -7.61 6.67 -27.40
CA ARG B 121 -7.70 5.38 -26.69
C ARG B 121 -8.14 4.25 -27.62
N ILE B 122 -8.89 4.59 -28.68
CA ILE B 122 -9.33 3.59 -29.64
C ILE B 122 -8.13 3.17 -30.46
N LEU B 123 -7.40 4.19 -30.88
CA LEU B 123 -6.19 4.01 -31.66
C LEU B 123 -5.01 3.53 -30.82
N GLU B 124 -5.22 3.37 -29.50
CA GLU B 124 -4.15 3.01 -28.59
C GLU B 124 -3.34 1.89 -29.19
N ARG B 125 -4.04 0.92 -29.77
CA ARG B 125 -3.37 -0.27 -30.27
C ARG B 125 -2.61 0.05 -31.55
N THR B 126 -3.30 0.72 -32.46
CA THR B 126 -2.72 1.18 -33.72
C THR B 126 -1.46 2.03 -33.58
N ASN B 127 -1.62 3.25 -33.06
CA ASN B 127 -0.51 4.20 -32.92
C ASN B 127 0.68 3.63 -32.14
N GLU B 128 0.43 2.59 -31.36
CA GLU B 128 1.50 1.92 -30.65
C GLU B 128 2.22 0.96 -31.57
N GLY B 129 1.43 0.23 -32.35
CA GLY B 129 1.98 -0.69 -33.33
C GLY B 129 2.84 0.05 -34.32
N ARG B 130 2.58 1.34 -34.42
CA ARG B 130 3.40 2.25 -35.21
C ARG B 130 4.75 2.51 -34.56
N GLN B 131 4.75 2.96 -33.29
CA GLN B 131 5.99 3.28 -32.59
C GLN B 131 6.99 2.16 -32.71
N GLU B 132 6.48 0.93 -32.60
CA GLU B 132 7.26 -0.30 -32.74
C GLU B 132 7.76 -0.48 -34.16
N ALA B 133 6.93 -0.10 -35.13
CA ALA B 133 7.32 -0.19 -36.52
C ALA B 133 8.49 0.76 -36.76
N LYS B 134 8.35 2.01 -36.31
CA LYS B 134 9.40 3.01 -36.47
C LYS B 134 10.69 2.50 -35.84
N LEU B 135 10.55 1.95 -34.65
CA LEU B 135 11.64 1.31 -33.97
C LEU B 135 12.34 0.37 -34.94
N LYS B 136 11.56 -0.53 -35.53
CA LYS B 136 12.09 -1.53 -36.47
C LYS B 136 12.84 -0.88 -37.61
N GLY B 137 12.51 0.37 -37.91
CA GLY B 137 13.16 1.07 -39.00
C GLY B 137 12.36 1.09 -40.29
N ILE B 138 11.08 0.76 -40.22
CA ILE B 138 10.20 1.00 -41.35
C ILE B 138 10.31 2.47 -41.69
N LYS B 139 10.40 2.79 -42.98
CA LYS B 139 10.49 4.18 -43.39
C LYS B 139 9.10 4.80 -43.41
N PHE B 140 9.00 6.03 -42.91
CA PHE B 140 7.71 6.71 -42.91
C PHE B 140 7.63 7.74 -43.99
N GLY B 141 6.45 8.32 -44.11
CA GLY B 141 6.24 9.38 -45.06
C GLY B 141 6.22 8.87 -46.47
N ARG B 142 6.07 9.81 -47.38
CA ARG B 142 5.95 9.54 -48.79
C ARG B 142 7.22 8.85 -49.29
N ARG B 143 7.13 8.15 -50.43
CA ARG B 143 8.28 7.44 -50.98
C ARG B 143 9.00 8.31 -52.01
N ARG B 144 10.32 8.21 -52.05
CA ARG B 144 11.11 9.11 -52.86
C ARG B 144 10.84 8.84 -54.34
N THR B 145 10.30 9.84 -55.02
CA THR B 145 9.94 9.69 -56.44
C THR B 145 10.98 10.31 -57.39
N VAL B 146 12.03 10.90 -56.82
CA VAL B 146 13.04 11.58 -57.62
C VAL B 146 14.39 10.91 -57.40
N ASP B 147 15.17 10.78 -58.47
CA ASP B 147 16.44 10.09 -58.37
C ASP B 147 17.48 10.99 -57.77
N ARG B 148 17.99 10.59 -56.61
CA ARG B 148 18.95 11.41 -55.89
C ARG B 148 20.35 11.24 -56.46
N ASN B 149 20.54 10.25 -57.32
CA ASN B 149 21.82 10.11 -57.99
C ASN B 149 21.91 11.00 -59.25
N VAL B 150 20.82 11.09 -60.00
CA VAL B 150 20.79 11.92 -61.22
C VAL B 150 21.15 13.35 -60.86
N VAL B 151 20.53 13.82 -59.78
CA VAL B 151 20.68 15.19 -59.33
C VAL B 151 22.11 15.43 -58.83
N LEU B 152 22.61 14.57 -57.96
CA LEU B 152 23.94 14.77 -57.39
C LEU B 152 25.04 14.72 -58.45
N THR B 153 24.80 13.95 -59.51
CA THR B 153 25.78 13.84 -60.57
C THR B 153 25.83 15.13 -61.35
N LEU B 154 24.67 15.65 -61.73
CA LEU B 154 24.59 16.86 -62.53
C LEU B 154 25.25 18.04 -61.81
N HIS B 155 25.02 18.15 -60.49
CA HIS B 155 25.59 19.25 -59.71
C HIS B 155 27.08 19.02 -59.43
N GLN B 156 27.56 17.79 -59.61
CA GLN B 156 28.98 17.50 -59.49
C GLN B 156 29.73 18.02 -60.71
N LYS B 157 29.04 17.97 -61.85
CA LYS B 157 29.60 18.40 -63.13
C LYS B 157 29.60 19.93 -63.22
N GLY B 158 28.81 20.57 -62.37
CA GLY B 158 28.72 22.01 -62.34
C GLY B 158 27.42 22.55 -62.89
N THR B 159 26.54 21.66 -63.31
CA THR B 159 25.21 22.06 -63.76
C THR B 159 24.46 22.77 -62.61
N GLY B 160 23.64 23.75 -62.96
CA GLY B 160 23.04 24.64 -61.97
C GLY B 160 21.67 24.20 -61.53
N ALA B 161 21.19 24.84 -60.46
CA ALA B 161 19.90 24.50 -59.86
C ALA B 161 18.73 24.65 -60.82
N THR B 162 18.49 25.87 -61.31
CA THR B 162 17.31 26.17 -62.15
C THR B 162 17.22 25.29 -63.38
N GLU B 163 18.36 24.93 -63.95
CA GLU B 163 18.34 24.04 -65.10
C GLU B 163 17.97 22.61 -64.67
N ILE B 164 18.65 22.08 -63.66
CA ILE B 164 18.36 20.74 -63.21
C ILE B 164 16.87 20.69 -62.93
N ALA B 165 16.35 21.78 -62.40
CA ALA B 165 14.91 21.91 -62.18
C ALA B 165 14.08 21.70 -63.45
N HIS B 166 14.47 22.27 -64.57
CA HIS B 166 13.74 22.06 -65.84
C HIS B 166 13.99 20.66 -66.39
N GLN B 167 15.24 20.21 -66.34
CA GLN B 167 15.64 18.95 -66.93
C GLN B 167 14.75 17.80 -66.48
N LEU B 168 14.62 17.67 -65.16
CA LEU B 168 13.91 16.55 -64.55
C LEU B 168 12.46 16.91 -64.25
N SER B 169 12.07 18.13 -64.61
CA SER B 169 10.71 18.61 -64.40
C SER B 169 10.28 18.45 -62.94
N ILE B 170 11.14 18.90 -62.04
CA ILE B 170 10.82 19.03 -60.62
C ILE B 170 11.01 20.49 -60.22
N ALA B 171 10.68 20.83 -58.99
CA ALA B 171 10.89 22.20 -58.52
C ALA B 171 12.37 22.45 -58.24
N ARG B 172 12.75 23.71 -58.16
CA ARG B 172 14.12 24.10 -57.86
C ARG B 172 14.41 23.86 -56.40
N SER B 173 13.53 24.40 -55.55
CA SER B 173 13.68 24.32 -54.10
C SER B 173 13.88 22.88 -53.64
N THR B 174 13.35 21.95 -54.41
CA THR B 174 13.63 20.54 -54.19
C THR B 174 15.11 20.23 -54.30
N VAL B 175 15.79 20.90 -55.24
CA VAL B 175 17.16 20.57 -55.55
C VAL B 175 18.13 21.17 -54.54
N TYR B 176 17.69 22.21 -53.83
CA TYR B 176 18.50 22.72 -52.74
C TYR B 176 18.25 21.86 -51.52
N LYS B 177 17.14 21.14 -51.53
CA LYS B 177 16.81 20.26 -50.44
C LYS B 177 17.60 18.98 -50.57
N ILE B 178 17.63 18.40 -51.76
CA ILE B 178 18.28 17.12 -51.97
C ILE B 178 19.79 17.18 -51.69
N LEU B 179 20.39 18.32 -51.97
CA LEU B 179 21.82 18.49 -51.83
C LEU B 179 22.17 18.73 -50.38
N GLU B 180 21.28 19.46 -49.71
CA GLU B 180 21.42 19.75 -48.30
C GLU B 180 21.45 18.45 -47.50
N ASP B 181 20.64 17.48 -47.92
CA ASP B 181 20.48 16.24 -47.17
C ASP B 181 21.72 15.36 -47.23
N GLU B 182 22.24 15.16 -48.44
CA GLU B 182 23.37 14.26 -48.62
C GLU B 182 24.71 14.94 -48.29
N ARG B 183 24.74 16.28 -48.36
CA ARG B 183 25.91 17.05 -47.94
C ARG B 183 25.94 17.16 -46.42
N ALA B 184 24.77 16.94 -45.79
CA ALA B 184 24.70 16.83 -44.33
C ALA B 184 25.20 15.45 -43.89
N SER B 185 24.76 14.41 -44.61
CA SER B 185 25.21 13.03 -44.36
C SER B 185 26.41 12.69 -45.26
N MET E 1 13.11 9.31 3.05
CA MET E 1 13.10 9.31 4.55
C MET E 1 11.74 9.72 5.10
N ARG E 2 11.03 8.71 5.62
CA ARG E 2 9.77 8.93 6.31
C ARG E 2 9.80 8.29 7.67
N ILE E 3 8.88 8.73 8.52
CA ILE E 3 8.77 8.22 9.86
C ILE E 3 7.41 7.60 10.04
N PHE E 4 7.41 6.32 10.42
CA PHE E 4 6.20 5.51 10.63
C PHE E 4 6.09 4.92 12.04
N GLY E 5 4.91 4.42 12.39
CA GLY E 5 4.77 3.63 13.61
C GLY E 5 3.74 2.50 13.62
N TYR E 6 3.98 1.52 14.52
CA TYR E 6 3.14 0.33 14.69
C TYR E 6 2.82 0.15 16.16
N ALA E 7 1.59 -0.24 16.45
CA ALA E 7 1.18 -0.47 17.83
C ALA E 7 0.27 -1.70 17.89
N ARG E 8 0.47 -2.52 18.92
CA ARG E 8 -0.25 -3.77 19.02
C ARG E 8 -0.64 -4.11 20.42
N VAL E 9 -1.90 -4.44 20.58
CA VAL E 9 -2.37 -4.92 21.86
C VAL E 9 -3.26 -6.14 21.66
N SER E 10 -3.93 -6.57 22.74
CA SER E 10 -4.89 -7.65 22.64
C SER E 10 -6.30 -7.12 22.64
N THR E 11 -6.67 -6.50 23.75
CA THR E 11 -7.97 -5.91 23.91
C THR E 11 -7.88 -4.45 24.22
N SER E 12 -7.22 -4.15 25.34
CA SER E 12 -7.28 -2.82 25.93
C SER E 12 -7.00 -1.74 24.93
N GLN E 13 -7.88 -0.73 24.95
CA GLN E 13 -7.70 0.44 24.12
C GLN E 13 -6.66 1.33 24.78
N GLN E 14 -6.69 1.40 26.11
CA GLN E 14 -5.87 2.37 26.83
C GLN E 14 -4.40 2.06 26.64
N SER E 15 -4.04 0.78 26.68
CA SER E 15 -2.65 0.40 26.47
C SER E 15 -2.25 0.66 25.02
N LEU E 16 -3.24 0.84 24.16
CA LEU E 16 -2.97 1.24 22.80
C LEU E 16 -2.72 2.73 22.75
N ASP E 17 -3.62 3.51 23.34
CA ASP E 17 -3.47 4.95 23.29
C ASP E 17 -2.12 5.35 23.88
N ILE E 18 -1.68 4.60 24.88
CA ILE E 18 -0.37 4.84 25.50
C ILE E 18 0.76 4.63 24.51
N GLN E 19 0.65 3.63 23.65
CA GLN E 19 1.67 3.45 22.61
C GLN E 19 1.55 4.56 21.58
N ILE E 20 0.32 4.96 21.30
CA ILE E 20 0.09 6.02 20.32
C ILE E 20 0.61 7.38 20.78
N ARG E 21 0.26 7.79 21.98
CA ARG E 21 0.68 9.10 22.44
C ARG E 21 2.20 9.17 22.46
N ALA E 22 2.83 8.03 22.71
CA ALA E 22 4.29 7.96 22.76
C ALA E 22 4.93 7.95 21.37
N LEU E 23 4.20 7.58 20.33
CA LEU E 23 4.70 7.73 18.97
C LEU E 23 4.52 9.16 18.43
N LYS E 24 3.50 9.87 18.91
CA LYS E 24 3.29 11.27 18.55
C LYS E 24 4.27 12.23 19.24
N ASP E 25 4.66 11.93 20.47
CA ASP E 25 5.70 12.71 21.13
C ASP E 25 7.09 12.30 20.65
N ALA E 26 7.20 11.14 20.01
CA ALA E 26 8.46 10.75 19.40
C ALA E 26 8.50 11.27 17.96
N GLY E 27 7.51 12.08 17.59
CA GLY E 27 7.46 12.74 16.30
C GLY E 27 7.01 11.93 15.10
N VAL E 28 5.93 11.18 15.27
CA VAL E 28 5.34 10.43 14.16
C VAL E 28 4.00 11.06 13.82
N LYS E 29 3.78 11.31 12.53
CA LYS E 29 2.55 11.95 12.12
C LYS E 29 1.38 11.02 12.42
N ALA E 30 0.20 11.59 12.65
CA ALA E 30 -0.94 10.79 13.07
C ALA E 30 -1.36 9.76 12.02
N ASN E 31 -1.19 10.09 10.74
CA ASN E 31 -1.57 9.19 9.67
C ASN E 31 -0.52 8.10 9.39
N ARG E 32 0.68 8.27 9.94
CA ARG E 32 1.79 7.35 9.72
C ARG E 32 1.86 6.23 10.80
N ILE E 33 0.84 6.14 11.66
CA ILE E 33 0.79 5.15 12.74
C ILE E 33 -0.22 4.02 12.43
N PHE E 34 0.18 2.74 12.57
CA PHE E 34 -0.76 1.61 12.38
C PHE E 34 -0.96 0.67 13.60
N THR E 35 -2.14 0.06 13.69
CA THR E 35 -2.47 -0.73 14.88
C THR E 35 -3.13 -2.10 14.65
N ASP E 36 -3.14 -2.91 15.71
CA ASP E 36 -3.79 -4.21 15.70
C ASP E 36 -4.34 -4.63 17.05
N LYS E 37 -5.28 -5.56 17.03
CA LYS E 37 -5.82 -6.16 18.24
C LYS E 37 -6.52 -7.47 17.87
N ALA E 38 -6.76 -8.36 18.82
CA ALA E 38 -7.52 -9.56 18.52
C ALA E 38 -9.02 -9.33 18.71
N SER E 42 -8.52 -14.93 15.40
CA SER E 42 -9.04 -14.07 14.34
C SER E 42 -7.91 -13.61 13.44
N THR E 43 -6.73 -13.43 14.06
CA THR E 43 -5.55 -12.88 13.38
C THR E 43 -5.98 -11.64 12.61
N ASP E 44 -6.25 -10.57 13.34
CA ASP E 44 -6.55 -9.35 12.66
C ASP E 44 -5.22 -8.62 12.75
N ARG E 45 -4.44 -8.77 11.69
CA ARG E 45 -3.14 -8.12 11.52
C ARG E 45 -3.21 -6.94 10.59
N GLU E 46 -4.41 -6.61 10.16
CA GLU E 46 -4.58 -5.73 9.01
C GLU E 46 -3.66 -4.51 9.05
N GLY E 47 -3.47 -3.93 10.23
CA GLY E 47 -2.61 -2.76 10.35
C GLY E 47 -1.19 -3.04 9.93
N LEU E 48 -0.59 -4.07 10.51
CA LEU E 48 0.77 -4.42 10.18
C LEU E 48 0.95 -4.82 8.73
N ASP E 49 -0.14 -5.21 8.09
CA ASP E 49 -0.12 -5.59 6.68
C ASP E 49 -0.08 -4.30 5.85
N LEU E 50 -0.85 -3.29 6.26
CA LEU E 50 -0.86 -2.00 5.53
C LEU E 50 0.49 -1.37 5.46
N LEU E 51 1.17 -1.42 6.59
CA LEU E 51 2.47 -0.83 6.69
C LEU E 51 3.41 -1.49 5.70
N ARG E 52 3.37 -2.81 5.65
CA ARG E 52 4.26 -3.54 4.76
C ARG E 52 4.24 -2.87 3.40
N MET E 53 3.04 -2.45 2.99
CA MET E 53 2.80 -1.90 1.66
C MET E 53 3.48 -0.55 1.50
N LYS E 54 3.20 0.36 2.44
CA LYS E 54 3.52 1.79 2.28
C LYS E 54 4.98 2.22 2.47
N VAL E 55 5.75 1.47 3.24
CA VAL E 55 7.13 1.88 3.48
C VAL E 55 7.91 1.84 2.20
N GLU E 56 8.90 2.72 2.10
CA GLU E 56 9.80 2.75 0.96
C GLU E 56 11.23 2.78 1.45
N GLU E 57 12.16 2.37 0.59
CA GLU E 57 13.54 2.27 1.02
C GLU E 57 13.95 3.61 1.60
N GLY E 58 14.59 3.56 2.76
CA GLY E 58 15.00 4.77 3.45
C GLY E 58 14.02 5.20 4.53
N ASP E 59 12.80 4.71 4.46
CA ASP E 59 11.79 5.06 5.45
C ASP E 59 12.07 4.23 6.71
N VAL E 60 11.64 4.71 7.88
CA VAL E 60 11.96 4.11 9.18
C VAL E 60 10.73 4.00 10.10
N ILE E 61 10.55 2.84 10.74
CA ILE E 61 9.36 2.55 11.58
C ILE E 61 9.63 2.59 13.08
N LEU E 62 8.76 3.26 13.82
CA LEU E 62 8.90 3.36 15.27
C LEU E 62 7.95 2.49 16.09
N VAL E 63 8.53 1.70 16.98
CA VAL E 63 7.81 0.83 17.89
C VAL E 63 8.32 1.01 19.31
N LYS E 64 7.38 1.10 20.25
CA LYS E 64 7.71 1.40 21.64
C LYS E 64 8.63 0.33 22.23
N LYS E 65 8.24 -0.94 22.11
CA LYS E 65 9.02 -2.05 22.66
C LYS E 65 8.97 -3.26 21.73
N LEU E 66 9.93 -4.17 21.86
CA LEU E 66 10.01 -5.34 20.98
C LEU E 66 8.72 -6.17 21.00
N ASP E 67 8.19 -6.36 22.21
CA ASP E 67 7.04 -7.23 22.43
C ASP E 67 5.81 -6.75 21.66
N ARG E 68 5.80 -5.48 21.27
CA ARG E 68 4.63 -4.88 20.64
C ARG E 68 4.70 -5.04 19.12
N LEU E 69 5.70 -5.79 18.66
CA LEU E 69 5.82 -6.09 17.24
C LEU E 69 5.18 -7.43 16.81
N GLY E 70 5.86 -8.54 17.06
CA GLY E 70 5.35 -9.80 16.57
C GLY E 70 4.40 -10.41 17.56
N ARG E 71 3.66 -11.43 17.14
CA ARG E 71 2.78 -12.12 18.06
C ARG E 71 3.64 -13.06 18.90
N ASP E 72 4.87 -13.29 18.46
CA ASP E 72 5.83 -14.04 19.26
C ASP E 72 7.25 -13.68 18.86
N THR E 73 8.23 -14.33 19.48
CA THR E 73 9.63 -14.03 19.21
C THR E 73 9.95 -14.27 17.74
N ALA E 74 9.39 -15.32 17.17
CA ALA E 74 9.60 -15.64 15.75
C ALA E 74 8.96 -14.61 14.81
N ASP E 75 7.66 -14.36 14.95
CA ASP E 75 6.95 -13.43 14.07
C ASP E 75 7.77 -12.15 14.05
N MET E 76 8.31 -11.79 15.21
CA MET E 76 9.05 -10.55 15.37
C MET E 76 10.30 -10.49 14.49
N ILE E 77 11.16 -11.49 14.61
CA ILE E 77 12.37 -11.51 13.79
C ILE E 77 12.05 -11.65 12.32
N GLN E 78 11.12 -12.54 12.01
CA GLN E 78 10.72 -12.75 10.62
C GLN E 78 10.42 -11.39 9.99
N LEU E 79 9.77 -10.52 10.76
CA LEU E 79 9.39 -9.21 10.26
C LEU E 79 10.60 -8.32 10.13
N ILE E 80 11.50 -8.36 11.09
CA ILE E 80 12.63 -7.45 11.05
C ILE E 80 13.54 -7.72 9.86
N LYS E 81 13.88 -8.98 9.64
CA LYS E 81 14.64 -9.38 8.45
C LYS E 81 13.96 -8.85 7.18
N GLU E 82 12.64 -9.03 7.14
CA GLU E 82 11.79 -8.66 6.03
C GLU E 82 11.87 -7.17 5.70
N PHE E 83 11.94 -6.32 6.72
CA PHE E 83 12.09 -4.89 6.50
C PHE E 83 13.54 -4.51 6.16
N ASP E 84 14.51 -5.15 6.80
CA ASP E 84 15.92 -4.88 6.52
C ASP E 84 16.23 -5.31 5.08
N ALA E 85 15.47 -6.27 4.57
CA ALA E 85 15.58 -6.71 3.17
C ALA E 85 15.17 -5.59 2.23
N GLN E 86 14.23 -4.77 2.67
CA GLN E 86 13.68 -3.68 1.87
C GLN E 86 14.49 -2.40 2.07
N GLY E 87 15.54 -2.49 2.88
CA GLY E 87 16.28 -1.31 3.27
C GLY E 87 15.45 -0.51 4.26
N VAL E 88 14.41 -1.14 4.78
CA VAL E 88 13.59 -0.51 5.80
C VAL E 88 14.16 -0.78 7.19
N ALA E 89 14.33 0.30 7.93
CA ALA E 89 14.91 0.26 9.25
C ALA E 89 13.81 0.31 10.30
N VAL E 90 13.98 -0.47 11.38
CA VAL E 90 13.08 -0.46 12.52
C VAL E 90 13.78 0.05 13.76
N ARG E 91 13.15 0.97 14.46
CA ARG E 91 13.73 1.55 15.67
C ARG E 91 12.82 1.41 16.87
N PHE E 92 13.33 0.82 17.95
CA PHE E 92 12.58 0.72 19.18
C PHE E 92 12.98 1.76 20.21
N ILE E 93 12.01 2.57 20.59
CA ILE E 93 12.22 3.67 21.52
C ILE E 93 12.76 3.25 22.92
N ASP E 94 11.90 2.65 23.74
CA ASP E 94 12.16 2.45 25.17
C ASP E 94 13.23 1.40 25.44
N ASP E 95 13.40 0.46 24.52
CA ASP E 95 14.46 -0.52 24.67
C ASP E 95 15.72 -0.02 23.96
N GLY E 96 15.55 1.04 23.16
CA GLY E 96 16.67 1.75 22.52
C GLY E 96 17.51 0.99 21.50
N ILE E 97 16.87 0.21 20.63
CA ILE E 97 17.61 -0.64 19.69
C ILE E 97 17.10 -0.49 18.24
N SER E 98 18.04 -0.50 17.28
CA SER E 98 17.74 -0.22 15.86
C SER E 98 18.46 -1.18 14.89
N THR E 99 17.87 -1.38 13.71
CA THR E 99 18.45 -2.24 12.66
C THR E 99 19.39 -1.48 11.71
N ASP E 100 19.60 -0.20 12.04
CA ASP E 100 20.42 0.70 11.24
C ASP E 100 21.45 1.38 12.15
N GLY E 101 22.21 2.31 11.59
CA GLY E 101 23.31 2.93 12.30
C GLY E 101 24.50 2.01 12.42
N ASP E 102 25.10 2.01 13.60
CA ASP E 102 26.38 1.36 13.79
C ASP E 102 26.20 -0.12 14.09
N MET E 103 25.67 -0.41 15.27
CA MET E 103 25.47 -1.78 15.71
C MET E 103 24.31 -2.39 14.95
N GLY E 104 23.62 -1.57 14.17
CA GLY E 104 22.49 -2.02 13.37
C GLY E 104 22.75 -3.27 12.53
N GLN E 105 23.97 -3.40 12.00
CA GLN E 105 24.31 -4.62 11.30
C GLN E 105 24.42 -5.74 12.31
N MET E 106 25.17 -5.46 13.38
CA MET E 106 25.34 -6.42 14.47
C MET E 106 23.98 -6.79 15.05
N VAL E 107 22.99 -5.90 14.93
CA VAL E 107 21.64 -6.17 15.43
C VAL E 107 20.96 -7.24 14.60
N VAL E 108 20.95 -7.03 13.29
CA VAL E 108 20.21 -7.93 12.43
C VAL E 108 20.96 -9.25 12.32
N THR E 109 22.28 -9.17 12.40
CA THR E 109 23.13 -10.34 12.27
C THR E 109 22.75 -11.40 13.29
N ILE E 110 22.62 -10.97 14.55
CA ILE E 110 22.40 -11.88 15.67
C ILE E 110 20.98 -12.42 15.69
N LEU E 111 20.01 -11.58 15.37
CA LEU E 111 18.63 -12.03 15.33
C LEU E 111 18.44 -13.18 14.34
N SER E 112 19.26 -13.19 13.29
CA SER E 112 19.20 -14.22 12.25
C SER E 112 19.75 -15.57 12.74
N ALA E 113 20.61 -15.51 13.76
CA ALA E 113 21.20 -16.70 14.37
C ALA E 113 20.20 -17.40 15.28
N VAL E 114 19.59 -16.62 16.17
CA VAL E 114 18.63 -17.15 17.11
C VAL E 114 17.46 -17.73 16.34
N ALA E 115 17.07 -17.02 15.29
CA ALA E 115 16.01 -17.46 14.41
C ALA E 115 16.37 -18.86 13.92
N GLN E 116 17.53 -18.97 13.30
CA GLN E 116 18.03 -20.24 12.77
C GLN E 116 18.43 -21.17 13.91
N ALA E 117 18.61 -20.62 15.11
CA ALA E 117 18.89 -21.44 16.29
C ALA E 117 17.66 -22.18 16.75
N GLU E 118 16.57 -21.45 16.96
CA GLU E 118 15.34 -22.08 17.44
C GLU E 118 14.59 -22.71 16.28
N ARG E 119 14.86 -22.26 15.06
CA ARG E 119 14.34 -22.95 13.88
C ARG E 119 14.85 -24.40 13.91
N ARG E 120 16.11 -24.59 14.36
CA ARG E 120 16.72 -25.92 14.42
C ARG E 120 16.32 -26.73 15.66
N ARG E 121 15.80 -26.05 16.68
CA ARG E 121 15.28 -26.71 17.87
C ARG E 121 13.89 -27.25 17.60
N ILE E 122 13.14 -26.55 16.74
CA ILE E 122 11.81 -27.00 16.34
C ILE E 122 11.95 -28.35 15.62
N LEU E 123 13.08 -28.56 14.93
CA LEU E 123 13.34 -29.82 14.23
C LEU E 123 13.71 -30.96 15.20
N GLU E 124 14.21 -30.61 16.38
CA GLU E 124 14.53 -31.61 17.40
C GLU E 124 13.26 -32.23 18.00
N ARG E 125 12.33 -31.39 18.44
CA ARG E 125 11.04 -31.82 18.98
C ARG E 125 10.20 -32.67 18.01
N THR E 126 9.97 -32.15 16.81
CA THR E 126 9.06 -32.79 15.84
C THR E 126 9.41 -34.24 15.58
N ASN E 127 10.71 -34.52 15.44
CA ASN E 127 11.20 -35.87 15.24
C ASN E 127 10.83 -36.67 16.48
N GLU E 128 11.08 -36.04 17.64
CA GLU E 128 10.71 -36.58 18.93
C GLU E 128 9.25 -36.32 19.28
N LYS E 136 5.15 -23.06 28.65
CA LYS E 136 5.41 -21.63 28.47
C LYS E 136 6.80 -21.24 28.99
N GLY E 137 7.31 -22.03 29.94
CA GLY E 137 8.67 -21.85 30.43
C GLY E 137 8.76 -21.06 31.73
N ILE E 138 7.73 -20.24 31.99
CA ILE E 138 7.62 -19.49 33.23
C ILE E 138 6.75 -20.32 34.14
N LYS E 139 7.03 -20.30 35.44
CA LYS E 139 6.07 -20.91 36.35
C LYS E 139 5.25 -19.82 37.04
N PHE E 140 4.22 -20.26 37.77
CA PHE E 140 3.10 -19.43 38.19
C PHE E 140 2.41 -20.14 39.33
N GLY E 141 1.42 -19.49 39.93
CA GLY E 141 0.43 -20.19 40.73
C GLY E 141 0.91 -20.69 42.08
N ARG E 142 -0.04 -21.00 42.95
CA ARG E 142 0.27 -21.24 44.36
C ARG E 142 1.37 -22.28 44.46
N ARG E 143 2.15 -22.20 45.51
CA ARG E 143 3.17 -23.18 45.80
C ARG E 143 2.53 -24.42 46.43
N ARG E 144 3.13 -25.60 46.26
CA ARG E 144 2.55 -26.80 46.85
C ARG E 144 2.87 -26.88 48.33
N THR E 145 1.86 -26.78 49.16
CA THR E 145 2.07 -26.81 50.61
C THR E 145 1.87 -28.19 51.23
N VAL E 146 1.33 -29.13 50.47
CA VAL E 146 1.05 -30.45 51.02
C VAL E 146 2.17 -31.40 50.61
N ASP E 147 2.60 -32.19 51.57
CA ASP E 147 3.58 -33.21 51.24
C ASP E 147 2.74 -34.22 50.50
N ARG E 148 3.10 -34.47 49.25
CA ARG E 148 2.34 -35.40 48.43
C ARG E 148 2.79 -36.82 48.75
N ASN E 149 4.09 -37.01 48.97
CA ASN E 149 4.61 -38.34 49.28
C ASN E 149 3.86 -38.95 50.46
N VAL E 150 3.59 -38.12 51.47
CA VAL E 150 2.94 -38.58 52.71
C VAL E 150 1.52 -39.07 52.47
N VAL E 151 0.76 -38.38 51.64
CA VAL E 151 -0.60 -38.81 51.35
C VAL E 151 -0.54 -40.09 50.53
N LEU E 152 0.47 -40.19 49.67
CA LEU E 152 0.63 -41.36 48.82
C LEU E 152 0.98 -42.61 49.64
N THR E 153 1.87 -42.46 50.61
CA THR E 153 2.26 -43.57 51.47
C THR E 153 1.11 -44.00 52.38
N LEU E 154 0.35 -43.04 52.94
CA LEU E 154 -0.76 -43.42 53.83
C LEU E 154 -1.85 -44.17 53.07
N HIS E 155 -2.30 -43.61 51.96
CA HIS E 155 -3.32 -44.28 51.16
C HIS E 155 -2.85 -45.64 50.66
N GLN E 156 -1.54 -45.75 50.43
CA GLN E 156 -0.92 -47.01 50.00
C GLN E 156 -1.02 -48.13 51.06
N LYS E 157 -0.95 -47.75 52.32
CA LYS E 157 -1.06 -48.69 53.42
C LYS E 157 -2.52 -49.03 53.66
N GLY E 158 -3.41 -48.28 53.01
CA GLY E 158 -4.83 -48.55 53.09
C GLY E 158 -5.62 -47.63 54.00
N THR E 159 -4.99 -46.56 54.46
CA THR E 159 -5.65 -45.57 55.32
C THR E 159 -6.71 -44.78 54.55
N GLY E 160 -7.92 -44.75 55.11
CA GLY E 160 -9.05 -44.10 54.48
C GLY E 160 -8.84 -42.62 54.27
N ALA E 161 -9.69 -42.00 53.46
CA ALA E 161 -9.54 -40.59 53.07
C ALA E 161 -9.67 -39.57 54.22
N THR E 162 -10.76 -39.64 54.99
CA THR E 162 -11.06 -38.65 56.05
C THR E 162 -10.07 -38.73 57.19
N GLU E 163 -9.44 -39.88 57.34
CA GLU E 163 -8.40 -40.08 58.33
C GLU E 163 -7.15 -39.29 57.95
N ILE E 164 -6.82 -39.32 56.65
CA ILE E 164 -5.66 -38.61 56.17
C ILE E 164 -6.01 -37.12 56.26
N ALA E 165 -7.27 -36.79 55.95
CA ALA E 165 -7.73 -35.40 55.94
C ALA E 165 -7.60 -34.74 57.31
N HIS E 166 -7.82 -35.55 58.33
CA HIS E 166 -7.72 -35.14 59.73
C HIS E 166 -6.27 -35.13 60.23
N GLN E 167 -5.44 -35.98 59.62
CA GLN E 167 -4.06 -36.17 60.03
C GLN E 167 -3.20 -34.95 59.74
N LEU E 168 -3.20 -34.53 58.47
CA LEU E 168 -2.39 -33.44 57.94
C LEU E 168 -3.19 -32.13 57.93
N SER E 169 -4.37 -32.18 58.51
CA SER E 169 -5.18 -31.00 58.74
C SER E 169 -5.59 -30.38 57.42
N ILE E 170 -5.63 -31.21 56.38
CA ILE E 170 -6.08 -30.78 55.07
C ILE E 170 -7.56 -31.10 54.92
N ALA E 171 -8.19 -30.65 53.84
CA ALA E 171 -9.57 -31.05 53.56
C ALA E 171 -9.57 -32.38 52.83
N ARG E 172 -10.68 -33.11 52.93
CA ARG E 172 -10.79 -34.44 52.34
C ARG E 172 -10.60 -34.31 50.83
N SER E 173 -11.36 -33.41 50.24
CA SER E 173 -11.38 -33.26 48.80
C SER E 173 -9.98 -33.11 48.23
N THR E 174 -9.09 -32.48 48.98
CA THR E 174 -7.71 -32.36 48.56
C THR E 174 -7.10 -33.72 48.36
N VAL E 175 -7.53 -34.65 49.20
CA VAL E 175 -6.92 -35.95 49.24
C VAL E 175 -7.19 -36.66 47.94
N TYR E 176 -8.39 -36.49 47.39
CA TYR E 176 -8.76 -37.11 46.12
C TYR E 176 -8.06 -36.43 44.96
N LYS E 177 -7.84 -35.12 45.06
CA LYS E 177 -7.07 -34.46 44.02
C LYS E 177 -5.67 -35.02 43.99
N ILE E 178 -5.03 -35.07 45.15
CA ILE E 178 -3.61 -35.37 45.19
C ILE E 178 -3.42 -36.70 44.51
N LEU E 179 -4.38 -37.58 44.73
CA LEU E 179 -4.35 -38.93 44.19
C LEU E 179 -4.67 -38.90 42.68
N GLU E 180 -5.61 -38.04 42.30
CA GLU E 180 -6.04 -37.99 40.92
C GLU E 180 -4.89 -37.50 40.06
N ASP E 181 -4.10 -36.56 40.60
CA ASP E 181 -2.99 -36.00 39.84
C ASP E 181 -1.84 -36.98 39.65
N GLU E 182 -1.42 -37.65 40.73
CA GLU E 182 -0.24 -38.53 40.66
C GLU E 182 -0.53 -39.82 39.88
N ARG E 183 -1.81 -40.13 39.74
CA ARG E 183 -2.26 -41.26 38.93
C ARG E 183 -2.18 -40.89 37.45
N ALA E 184 -2.38 -39.60 37.18
CA ALA E 184 -2.29 -39.06 35.83
C ALA E 184 -0.83 -39.02 35.36
N SER E 185 0.09 -38.84 36.30
CA SER E 185 1.52 -38.94 35.99
C SER E 185 1.86 -40.38 35.51
N ALA E 186 1.36 -41.39 36.22
CA ALA E 186 1.58 -42.80 35.86
C ALA E 186 0.79 -43.21 34.61
N MET F 1 42.85 -17.49 31.87
CA MET F 1 42.27 -17.51 30.50
C MET F 1 42.26 -18.94 29.97
N ARG F 2 41.54 -19.80 30.69
CA ARG F 2 41.37 -21.19 30.27
C ARG F 2 40.33 -21.27 29.16
N ILE F 3 40.55 -22.20 28.24
CA ILE F 3 39.63 -22.45 27.13
C ILE F 3 38.89 -23.74 27.42
N PHE F 4 37.56 -23.68 27.29
CA PHE F 4 36.69 -24.82 27.53
C PHE F 4 35.80 -24.98 26.31
N GLY F 5 35.08 -26.08 26.22
CA GLY F 5 34.04 -26.24 25.20
C GLY F 5 32.87 -27.11 25.63
N TYR F 6 31.72 -26.93 24.99
CA TYR F 6 30.53 -27.71 25.31
C TYR F 6 29.82 -28.19 24.05
N ALA F 7 29.20 -29.37 24.14
CA ALA F 7 28.42 -29.93 23.05
C ALA F 7 27.26 -30.74 23.64
N ARG F 8 26.12 -30.73 22.98
CA ARG F 8 24.96 -31.50 23.45
C ARG F 8 24.21 -32.13 22.30
N VAL F 9 23.71 -33.34 22.53
CA VAL F 9 22.82 -33.99 21.58
C VAL F 9 21.55 -34.43 22.29
N SER F 10 20.61 -34.95 21.52
CA SER F 10 19.43 -35.61 22.06
C SER F 10 19.74 -37.10 22.12
N THR F 11 20.01 -37.66 20.95
CA THR F 11 20.35 -39.07 20.79
C THR F 11 21.73 -39.28 20.13
N SER F 12 21.87 -38.84 18.88
CA SER F 12 23.02 -39.18 18.02
C SER F 12 24.41 -38.93 18.64
N GLN F 13 25.27 -39.93 18.54
CA GLN F 13 26.67 -39.82 18.97
C GLN F 13 27.59 -39.28 17.86
N GLN F 14 27.12 -39.33 16.61
CA GLN F 14 27.95 -38.92 15.46
C GLN F 14 27.96 -37.40 15.24
N SER F 15 26.83 -36.75 15.48
CA SER F 15 26.75 -35.29 15.45
C SER F 15 27.42 -34.73 16.71
N LEU F 16 27.69 -35.61 17.66
CA LEU F 16 28.46 -35.26 18.85
C LEU F 16 29.96 -35.25 18.55
N ASP F 17 30.40 -36.10 17.62
CA ASP F 17 31.82 -36.23 17.25
C ASP F 17 32.25 -35.14 16.26
N ILE F 18 31.28 -34.49 15.63
CA ILE F 18 31.55 -33.41 14.68
C ILE F 18 31.84 -32.14 15.46
N GLN F 19 31.11 -31.95 16.56
CA GLN F 19 31.33 -30.81 17.44
C GLN F 19 32.68 -30.95 18.13
N ILE F 20 32.88 -32.08 18.80
CA ILE F 20 34.11 -32.37 19.52
C ILE F 20 35.31 -32.17 18.60
N ARG F 21 35.26 -32.77 17.41
CA ARG F 21 36.35 -32.67 16.46
C ARG F 21 36.58 -31.21 16.02
N ALA F 22 35.48 -30.49 15.80
CA ALA F 22 35.56 -29.09 15.39
C ALA F 22 36.06 -28.22 16.55
N LEU F 23 35.86 -28.70 17.77
CA LEU F 23 36.36 -28.03 18.97
C LEU F 23 37.87 -28.24 19.09
N LYS F 24 38.32 -29.44 18.72
CA LYS F 24 39.74 -29.76 18.71
C LYS F 24 40.45 -29.09 17.52
N ASP F 25 39.66 -28.73 16.51
CA ASP F 25 40.17 -27.97 15.37
C ASP F 25 40.24 -26.47 15.69
N ALA F 26 39.40 -26.01 16.61
CA ALA F 26 39.40 -24.61 17.03
C ALA F 26 40.47 -24.35 18.10
N GLY F 27 41.27 -25.36 18.40
CA GLY F 27 42.29 -25.27 19.42
C GLY F 27 41.78 -25.44 20.84
N VAL F 28 40.91 -26.41 21.04
CA VAL F 28 40.45 -26.76 22.38
C VAL F 28 41.15 -28.06 22.79
N LYS F 29 41.61 -28.10 24.04
CA LYS F 29 42.18 -29.31 24.60
C LYS F 29 41.13 -30.39 24.71
N ALA F 30 41.56 -31.65 24.77
CA ALA F 30 40.64 -32.77 24.92
C ALA F 30 39.92 -32.73 26.26
N ASN F 31 40.66 -32.46 27.33
CA ASN F 31 40.10 -32.52 28.69
C ASN F 31 39.27 -31.29 29.04
N ARG F 32 39.30 -30.28 28.17
CA ARG F 32 38.54 -29.05 28.42
C ARG F 32 37.12 -29.11 27.83
N ILE F 33 36.74 -30.30 27.34
CA ILE F 33 35.46 -30.49 26.67
C ILE F 33 34.45 -31.24 27.57
N PHE F 34 33.19 -30.80 27.56
CA PHE F 34 32.12 -31.46 28.32
C PHE F 34 30.92 -31.74 27.42
N THR F 35 30.26 -32.88 27.60
CA THR F 35 29.11 -33.25 26.76
C THR F 35 27.88 -33.74 27.55
N ASP F 36 26.72 -33.78 26.90
CA ASP F 36 25.45 -34.28 27.50
C ASP F 36 24.54 -34.98 26.48
N LYS F 37 23.52 -35.68 26.99
CA LYS F 37 22.49 -36.31 26.14
C LYS F 37 21.16 -36.46 26.91
N ALA F 38 20.07 -36.70 26.18
CA ALA F 38 18.75 -36.82 26.80
C ALA F 38 18.62 -38.13 27.57
N ASP F 44 19.16 -34.91 31.38
CA ASP F 44 20.49 -35.13 31.93
C ASP F 44 21.44 -34.02 31.50
N ARG F 45 21.60 -33.02 32.36
CA ARG F 45 22.39 -31.83 32.08
C ARG F 45 23.80 -31.87 32.65
N GLU F 46 24.16 -32.98 33.27
CA GLU F 46 25.32 -33.09 34.15
C GLU F 46 26.64 -32.51 33.61
N GLY F 47 26.93 -32.72 32.33
CA GLY F 47 28.16 -32.22 31.72
C GLY F 47 28.24 -30.71 31.66
N LEU F 48 27.06 -30.08 31.70
CA LEU F 48 26.94 -28.63 31.75
C LEU F 48 27.16 -28.10 33.19
N ASP F 49 26.55 -28.80 34.16
CA ASP F 49 26.67 -28.43 35.57
C ASP F 49 28.13 -28.35 36.00
N LEU F 50 28.91 -29.34 35.57
CA LEU F 50 30.34 -29.38 35.87
C LEU F 50 31.05 -28.17 35.32
N LEU F 51 30.71 -27.82 34.10
CA LEU F 51 31.26 -26.65 33.45
C LEU F 51 30.98 -25.41 34.28
N ARG F 52 29.74 -25.29 34.77
CA ARG F 52 29.33 -24.18 35.62
C ARG F 52 30.34 -23.95 36.76
N MET F 53 30.76 -25.04 37.40
CA MET F 53 31.63 -24.96 38.56
C MET F 53 33.06 -24.59 38.21
N LYS F 54 33.62 -25.28 37.21
CA LYS F 54 35.02 -25.11 36.85
C LYS F 54 35.34 -23.70 36.41
N VAL F 55 34.43 -23.12 35.65
CA VAL F 55 34.65 -21.82 35.08
C VAL F 55 34.90 -20.77 36.16
N GLU F 56 35.93 -19.97 35.92
CA GLU F 56 36.27 -18.83 36.76
C GLU F 56 36.28 -17.59 35.86
N GLU F 57 36.20 -16.40 36.45
CA GLU F 57 36.21 -15.17 35.68
C GLU F 57 37.43 -15.12 34.74
N GLY F 58 37.17 -14.72 33.50
CA GLY F 58 38.20 -14.66 32.48
C GLY F 58 38.23 -15.86 31.54
N ASP F 59 37.70 -16.99 32.00
CA ASP F 59 37.61 -18.21 31.17
C ASP F 59 36.72 -17.97 29.94
N VAL F 60 37.01 -18.65 28.84
CA VAL F 60 36.20 -18.51 27.63
C VAL F 60 35.86 -19.88 27.00
N ILE F 61 34.57 -20.08 26.73
CA ILE F 61 34.04 -21.36 26.24
C ILE F 61 33.71 -21.31 24.75
N LEU F 62 33.88 -22.44 24.08
CA LEU F 62 33.63 -22.55 22.63
C LEU F 62 32.54 -23.59 22.31
N VAL F 63 31.51 -23.17 21.57
CA VAL F 63 30.43 -24.07 21.17
C VAL F 63 30.27 -24.01 19.65
N LYS F 64 29.74 -25.08 19.06
CA LYS F 64 29.54 -25.12 17.60
C LYS F 64 28.38 -24.21 17.17
N LYS F 65 27.21 -24.39 17.78
CA LYS F 65 26.01 -23.65 17.42
C LYS F 65 25.19 -23.29 18.67
N LEU F 66 24.21 -22.41 18.50
CA LEU F 66 23.37 -21.95 19.60
C LEU F 66 22.39 -23.00 20.12
N ASP F 67 21.93 -23.88 19.23
CA ASP F 67 20.92 -24.87 19.60
C ASP F 67 21.53 -26.07 20.34
N ARG F 68 22.86 -26.04 20.51
CA ARG F 68 23.56 -27.07 21.25
C ARG F 68 23.76 -26.65 22.70
N LEU F 69 23.25 -25.47 23.07
CA LEU F 69 23.49 -24.93 24.41
C LEU F 69 22.35 -25.24 25.37
N GLY F 70 21.19 -24.62 25.14
CA GLY F 70 20.04 -24.82 26.00
C GLY F 70 19.02 -25.79 25.43
N ARG F 71 17.91 -26.00 26.16
CA ARG F 71 16.81 -26.83 25.64
C ARG F 71 15.79 -25.99 24.84
N ASP F 72 15.88 -24.66 24.98
CA ASP F 72 15.14 -23.72 24.13
C ASP F 72 15.77 -22.32 24.18
N THR F 73 15.12 -21.35 23.55
CA THR F 73 15.65 -19.99 23.48
C THR F 73 15.83 -19.36 24.88
N ALA F 74 14.89 -19.60 25.78
CA ALA F 74 14.92 -18.99 27.11
C ALA F 74 16.01 -19.60 27.99
N ASP F 75 16.17 -20.92 27.90
CA ASP F 75 17.18 -21.61 28.68
C ASP F 75 18.57 -21.12 28.29
N MET F 76 18.80 -21.11 26.98
CA MET F 76 20.05 -20.65 26.39
C MET F 76 20.46 -19.27 26.90
N ILE F 77 19.57 -18.29 26.75
CA ILE F 77 19.83 -16.92 27.19
C ILE F 77 20.08 -16.88 28.69
N GLN F 78 19.27 -17.65 29.42
CA GLN F 78 19.41 -17.78 30.86
C GLN F 78 20.83 -18.20 31.18
N LEU F 79 21.31 -19.27 30.53
CA LEU F 79 22.66 -19.77 30.77
C LEU F 79 23.72 -18.68 30.55
N ILE F 80 23.59 -17.94 29.45
CA ILE F 80 24.60 -16.99 29.02
C ILE F 80 24.71 -15.79 29.98
N LYS F 81 23.56 -15.18 30.30
CA LYS F 81 23.51 -14.10 31.26
C LYS F 81 24.31 -14.52 32.50
N GLU F 82 23.99 -15.71 32.98
CA GLU F 82 24.62 -16.30 34.16
C GLU F 82 26.14 -16.41 33.95
N PHE F 83 26.57 -16.53 32.68
CA PHE F 83 28.01 -16.57 32.35
C PHE F 83 28.66 -15.19 32.28
N ASP F 84 27.92 -14.18 31.81
CA ASP F 84 28.44 -12.82 31.76
C ASP F 84 28.49 -12.23 33.17
N ALA F 85 27.55 -12.68 34.00
CA ALA F 85 27.51 -12.32 35.42
C ALA F 85 28.80 -12.71 36.13
N GLN F 86 29.31 -13.90 35.81
CA GLN F 86 30.53 -14.43 36.41
C GLN F 86 31.78 -13.83 35.75
N GLY F 87 31.55 -13.05 34.69
CA GLY F 87 32.64 -12.47 33.91
C GLY F 87 33.16 -13.43 32.86
N VAL F 88 32.50 -14.59 32.76
CA VAL F 88 32.89 -15.63 31.82
C VAL F 88 32.31 -15.28 30.47
N ALA F 89 33.08 -15.53 29.41
CA ALA F 89 32.66 -15.17 28.06
C ALA F 89 32.50 -16.40 27.15
N VAL F 90 31.50 -16.34 26.27
CA VAL F 90 31.17 -17.43 25.35
C VAL F 90 31.49 -17.07 23.91
N ARG F 91 31.83 -18.08 23.10
CA ARG F 91 32.00 -17.90 21.67
C ARG F 91 31.43 -19.10 20.88
N PHE F 92 30.63 -18.80 19.85
CA PHE F 92 30.12 -19.82 18.93
C PHE F 92 30.94 -19.82 17.64
N ILE F 93 31.37 -21.01 17.23
CA ILE F 93 32.33 -21.12 16.12
C ILE F 93 31.72 -20.79 14.77
N ASP F 94 30.64 -21.47 14.43
CA ASP F 94 30.02 -21.31 13.11
C ASP F 94 29.39 -19.92 12.99
N ASP F 95 28.87 -19.40 14.10
CA ASP F 95 28.15 -18.13 14.10
C ASP F 95 29.04 -16.89 14.12
N GLY F 96 30.24 -17.01 14.70
CA GLY F 96 31.15 -15.88 14.81
C GLY F 96 30.75 -14.83 15.84
N ILE F 97 30.33 -15.29 17.02
CA ILE F 97 29.79 -14.41 18.06
C ILE F 97 30.62 -14.49 19.34
N SER F 98 30.73 -13.36 20.05
CA SER F 98 31.51 -13.30 21.28
C SER F 98 30.87 -12.37 22.31
N THR F 99 30.86 -12.85 23.56
CA THR F 99 30.27 -12.12 24.69
C THR F 99 31.29 -11.17 25.32
N ASP F 100 32.44 -11.06 24.66
CA ASP F 100 33.52 -10.20 25.13
C ASP F 100 34.06 -9.30 23.99
N GLY F 101 35.13 -8.57 24.29
CA GLY F 101 35.74 -7.66 23.33
C GLY F 101 34.95 -6.38 23.15
N ASP F 102 34.81 -5.95 21.89
CA ASP F 102 33.98 -4.80 21.55
C ASP F 102 32.49 -5.18 21.61
N MET F 103 32.08 -6.12 20.75
CA MET F 103 30.69 -6.57 20.71
C MET F 103 30.24 -7.22 22.01
N GLY F 104 31.19 -7.49 22.91
CA GLY F 104 30.92 -8.14 24.16
C GLY F 104 29.81 -7.57 25.04
N GLN F 105 29.64 -6.25 25.07
CA GLN F 105 28.51 -5.68 25.81
C GLN F 105 27.22 -5.71 24.97
N MET F 106 27.32 -5.39 23.69
CA MET F 106 26.14 -5.34 22.82
C MET F 106 25.34 -6.62 23.00
N VAL F 107 26.04 -7.74 22.84
CA VAL F 107 25.42 -9.06 22.80
C VAL F 107 24.48 -9.28 24.00
N VAL F 108 25.01 -9.16 25.20
CA VAL F 108 24.25 -9.46 26.41
C VAL F 108 23.09 -8.44 26.53
N THR F 109 23.33 -7.19 26.15
CA THR F 109 22.30 -6.16 26.23
C THR F 109 21.04 -6.60 25.51
N ILE F 110 21.27 -7.10 24.29
CA ILE F 110 20.20 -7.41 23.38
C ILE F 110 19.46 -8.68 23.79
N LEU F 111 20.20 -9.72 24.14
CA LEU F 111 19.58 -10.99 24.48
C LEU F 111 18.69 -10.90 25.72
N SER F 112 18.89 -9.88 26.53
CA SER F 112 18.08 -9.71 27.73
C SER F 112 16.66 -9.25 27.37
N ALA F 113 16.58 -8.30 26.43
CA ALA F 113 15.29 -7.77 25.96
C ALA F 113 14.45 -8.90 25.38
N VAL F 114 15.06 -9.69 24.50
CA VAL F 114 14.38 -10.79 23.86
C VAL F 114 13.55 -11.58 24.87
N ALA F 115 14.22 -12.31 25.76
CA ALA F 115 13.52 -13.09 26.78
C ALA F 115 12.40 -12.23 27.35
N GLN F 116 12.77 -11.01 27.72
CA GLN F 116 11.86 -10.11 28.41
C GLN F 116 10.64 -9.78 27.55
N ALA F 117 10.87 -9.64 26.25
CA ALA F 117 9.74 -9.44 25.35
C ALA F 117 8.82 -10.64 25.42
N GLU F 118 9.36 -11.83 25.13
CA GLU F 118 8.53 -13.02 25.05
C GLU F 118 7.92 -13.28 26.41
N ARG F 119 8.59 -12.80 27.48
CA ARG F 119 7.99 -12.78 28.82
C ARG F 119 6.78 -11.84 28.87
N ARG F 120 7.03 -10.57 28.59
CA ARG F 120 6.03 -9.53 28.67
C ARG F 120 4.82 -9.87 27.80
N ARG F 121 5.06 -10.52 26.67
CA ARG F 121 3.98 -10.90 25.77
C ARG F 121 2.97 -11.79 26.50
N ILE F 122 3.43 -12.54 27.50
CA ILE F 122 2.52 -13.38 28.30
C ILE F 122 1.68 -12.48 29.17
N LEU F 123 2.37 -11.52 29.77
CA LEU F 123 1.77 -10.62 30.73
C LEU F 123 1.07 -9.44 30.06
N GLU F 124 1.03 -9.44 28.73
CA GLU F 124 0.24 -8.47 28.01
C GLU F 124 -1.13 -8.45 28.65
N ARG F 125 -1.82 -9.57 28.63
CA ARG F 125 -3.22 -9.58 29.02
C ARG F 125 -3.38 -9.07 30.44
N THR F 126 -2.46 -9.45 31.32
CA THR F 126 -2.49 -8.99 32.70
C THR F 126 -2.30 -7.49 32.79
N ASN F 127 -1.15 -7.02 32.33
CA ASN F 127 -0.86 -5.61 32.43
C ASN F 127 -1.88 -4.79 31.67
N GLU F 128 -2.19 -5.17 30.44
CA GLU F 128 -3.13 -4.42 29.61
C GLU F 128 -4.39 -4.14 30.42
N GLY F 129 -4.86 -5.16 31.14
CA GLY F 129 -6.02 -5.02 32.01
C GLY F 129 -5.75 -4.15 33.22
N ARG F 130 -4.47 -3.95 33.55
CA ARG F 130 -4.11 -3.05 34.61
C ARG F 130 -4.53 -1.64 34.27
N GLN F 131 -4.30 -1.30 33.01
CA GLN F 131 -4.46 0.07 32.58
C GLN F 131 -5.92 0.47 32.56
N GLU F 132 -6.78 -0.36 31.96
CA GLU F 132 -8.20 -0.04 31.92
C GLU F 132 -8.78 -0.03 33.32
N ALA F 133 -7.99 -0.49 34.30
CA ALA F 133 -8.32 -0.39 35.72
C ALA F 133 -7.92 0.97 36.30
N LYS F 134 -6.85 1.54 35.77
CA LYS F 134 -6.34 2.85 36.21
C LYS F 134 -7.18 3.97 35.59
N LEU F 135 -7.60 3.77 34.34
CA LEU F 135 -8.63 4.56 33.69
C LEU F 135 -9.86 4.62 34.59
N LYS F 136 -10.34 3.43 34.98
CA LYS F 136 -11.43 3.27 35.93
C LYS F 136 -11.17 4.05 37.22
N GLY F 137 -9.90 4.21 37.57
CA GLY F 137 -9.54 4.91 38.79
C GLY F 137 -9.40 4.02 40.01
N ILE F 138 -9.07 2.75 39.79
CA ILE F 138 -8.79 1.87 40.92
C ILE F 138 -7.50 2.30 41.57
N LYS F 139 -7.56 2.63 42.85
CA LYS F 139 -6.41 3.20 43.53
C LYS F 139 -5.27 2.20 43.57
N PHE F 140 -4.04 2.63 43.23
CA PHE F 140 -2.89 1.72 43.19
C PHE F 140 -1.99 1.88 44.40
N GLY F 141 -0.96 1.03 44.47
CA GLY F 141 0.07 1.13 45.49
C GLY F 141 -0.38 0.93 46.93
N ARG F 142 0.58 1.05 47.84
CA ARG F 142 0.35 0.83 49.25
C ARG F 142 -0.80 1.69 49.78
N ARG F 143 -1.48 1.21 50.82
CA ARG F 143 -2.65 1.90 51.38
C ARG F 143 -2.31 2.83 52.54
N ARG F 144 -2.76 4.09 52.46
CA ARG F 144 -2.43 5.07 53.49
C ARG F 144 -2.86 4.51 54.84
N THR F 145 -1.89 4.34 55.74
CA THR F 145 -2.15 3.85 57.08
C THR F 145 -2.15 4.98 58.11
N VAL F 146 -1.89 6.19 57.66
CA VAL F 146 -1.70 7.32 58.55
C VAL F 146 -2.83 8.31 58.33
N ASP F 147 -3.63 8.52 59.36
CA ASP F 147 -4.71 9.49 59.30
C ASP F 147 -4.14 10.85 58.88
N ARG F 148 -4.65 11.40 57.78
CA ARG F 148 -4.12 12.66 57.21
C ARG F 148 -4.70 13.85 57.95
N ASN F 149 -5.96 13.72 58.33
CA ASN F 149 -6.67 14.75 59.07
C ASN F 149 -5.87 15.16 60.30
N VAL F 150 -5.39 14.16 61.04
CA VAL F 150 -4.68 14.40 62.29
C VAL F 150 -3.43 15.25 62.05
N VAL F 151 -2.73 14.99 60.96
CA VAL F 151 -1.45 15.65 60.69
C VAL F 151 -1.63 17.09 60.24
N LEU F 152 -2.77 17.40 59.63
CA LEU F 152 -3.07 18.76 59.18
C LEU F 152 -3.61 19.60 60.36
N THR F 153 -4.45 18.98 61.18
CA THR F 153 -5.04 19.63 62.36
C THR F 153 -3.95 20.06 63.34
N LEU F 154 -2.96 19.19 63.55
CA LEU F 154 -1.86 19.49 64.47
C LEU F 154 -0.90 20.56 63.92
N HIS F 155 -0.57 20.50 62.63
CA HIS F 155 0.25 21.52 61.99
C HIS F 155 -0.49 22.84 61.97
N GLN F 156 -1.83 22.75 62.00
CA GLN F 156 -2.68 23.92 61.97
C GLN F 156 -2.60 24.73 63.29
N LYS F 157 -2.62 24.04 64.43
CA LYS F 157 -2.54 24.70 65.74
C LYS F 157 -1.12 25.21 66.04
N GLY F 158 -0.16 24.81 65.21
CA GLY F 158 1.24 25.17 65.41
C GLY F 158 2.17 24.05 65.86
N THR F 159 1.67 22.83 65.96
CA THR F 159 2.50 21.69 66.35
C THR F 159 3.67 21.50 65.37
N GLY F 160 4.88 21.46 65.93
CA GLY F 160 6.10 21.28 65.14
C GLY F 160 6.20 19.99 64.35
N ALA F 161 7.18 19.95 63.45
CA ALA F 161 7.41 18.78 62.59
C ALA F 161 7.87 17.54 63.38
N THR F 162 8.90 17.70 64.20
CA THR F 162 9.43 16.61 65.04
C THR F 162 8.37 16.08 66.00
N GLU F 163 7.57 17.00 66.54
CA GLU F 163 6.65 16.69 67.63
C GLU F 163 5.50 15.81 67.20
N ILE F 164 4.83 16.21 66.13
CA ILE F 164 3.77 15.40 65.52
C ILE F 164 4.34 14.01 65.23
N ALA F 165 5.60 13.99 64.81
CA ALA F 165 6.25 12.74 64.43
C ALA F 165 6.38 11.80 65.63
N HIS F 166 6.93 12.32 66.72
CA HIS F 166 7.01 11.52 67.94
C HIS F 166 5.61 11.12 68.38
N GLN F 167 4.68 12.05 68.22
CA GLN F 167 3.30 11.91 68.68
C GLN F 167 2.62 10.66 68.15
N LEU F 168 2.52 10.57 66.83
CA LEU F 168 1.83 9.46 66.18
C LEU F 168 2.84 8.36 65.82
N SER F 169 4.08 8.55 66.25
CA SER F 169 5.12 7.54 66.10
C SER F 169 5.39 7.26 64.62
N ILE F 170 5.37 8.34 63.84
CA ILE F 170 5.76 8.29 62.44
C ILE F 170 7.09 9.01 62.26
N ALA F 171 7.63 8.97 61.05
CA ALA F 171 8.87 9.67 60.72
C ALA F 171 8.59 11.13 60.58
N ARG F 172 9.66 11.93 60.62
CA ARG F 172 9.56 13.38 60.47
C ARG F 172 9.23 13.76 59.03
N SER F 173 9.97 13.14 58.10
CA SER F 173 9.83 13.42 56.68
C SER F 173 8.42 13.06 56.17
N THR F 174 7.79 12.05 56.76
CA THR F 174 6.42 11.69 56.40
C THR F 174 5.45 12.84 56.65
N VAL F 175 5.62 13.50 57.79
CA VAL F 175 4.74 14.59 58.15
C VAL F 175 4.82 15.61 57.02
N TYR F 176 6.06 15.92 56.62
CA TYR F 176 6.33 16.90 55.55
C TYR F 176 5.58 16.60 54.26
N LYS F 177 5.51 15.32 53.90
CA LYS F 177 4.96 14.90 52.62
C LYS F 177 3.43 14.86 52.62
N ILE F 178 2.83 14.79 53.80
CA ILE F 178 1.37 14.79 53.90
C ILE F 178 0.89 16.20 53.67
N LEU F 179 1.60 17.15 54.28
CA LEU F 179 1.30 18.58 54.17
C LEU F 179 1.31 19.02 52.71
N GLU F 180 2.40 18.64 52.05
CA GLU F 180 2.66 18.93 50.65
C GLU F 180 1.54 18.45 49.73
N ASP F 181 1.03 17.26 50.00
CA ASP F 181 -0.03 16.68 49.18
C ASP F 181 -1.30 17.54 49.23
N GLU F 182 -1.65 17.99 50.42
CA GLU F 182 -2.88 18.75 50.64
C GLU F 182 -2.72 20.22 50.30
N ARG F 183 -1.49 20.72 50.47
CA ARG F 183 -1.12 22.07 50.05
C ARG F 183 -1.18 22.20 48.52
N ALA F 184 -0.63 21.19 47.84
CA ALA F 184 -0.76 21.08 46.39
C ALA F 184 -2.23 21.03 45.99
N SER F 185 -3.05 20.33 46.78
CA SER F 185 -4.49 20.29 46.57
C SER F 185 -5.18 21.42 47.35
#